data_3JQY
#
_entry.id   3JQY
#
_cell.length_a   62.833
_cell.length_b   88.366
_cell.length_c   72.996
_cell.angle_alpha   90.00
_cell.angle_beta   106.62
_cell.angle_gamma   90.00
#
_symmetry.space_group_name_H-M   'P 1 21 1'
#
loop_
_entity.id
_entity.type
_entity.pdbx_description
1 polymer 'Polysialic acid O-acetyltransferase'
2 non-polymer DI(HYDROXYETHYL)ETHER
3 non-polymer 'CHLORIDE ION'
4 water water
#
_entity_poly.entity_id   1
_entity_poly.type   'polypeptide(L)'
_entity_poly.pdbx_seq_one_letter_code
;MLRLKTQDSRLKTQDSRLKTQDSRLKTQDSFSVDDNGSGNVFVCGDLVNSKENKVQFNGNNNKLIIEDDVECRWLTVIFR
GDNNYVRIHKNSKIKGDIVATKGSKVIIGRRTTIGAGFEVVTDKCNVTIGHDCMIARDVILRASDGHPIFDIHSKKRINW
AKDIIISSYVWVGRNVSIMKGVSVGSGSVIGYGSIVTKDVPSMCAAAGNPAKIIKRNIIWARTDKAELISDDKRCSSYHA
KLTQLEHHHHHH
;
_entity_poly.pdbx_strand_id   B,A,C
#
loop_
_chem_comp.id
_chem_comp.type
_chem_comp.name
_chem_comp.formula
CL non-polymer 'CHLORIDE ION' 'Cl -1'
PEG non-polymer DI(HYDROXYETHYL)ETHER 'C4 H10 O3'
#
# COMPACT_ATOMS: atom_id res chain seq x y z
N LYS A 26 15.94 28.83 13.39
CA LYS A 26 16.36 29.52 12.16
C LYS A 26 15.16 29.92 11.32
N THR A 27 13.96 29.61 11.80
CA THR A 27 12.75 29.92 11.05
C THR A 27 11.49 30.21 11.86
N GLN A 28 11.14 31.47 11.82
CA GLN A 28 9.95 32.03 12.45
C GLN A 28 8.77 32.09 11.49
N ASP A 29 7.56 32.08 12.04
CA ASP A 29 6.33 32.30 11.28
C ASP A 29 6.02 31.17 10.27
N SER A 30 6.32 29.93 10.63
CA SER A 30 6.06 28.80 9.74
C SER A 30 4.64 28.23 9.87
N PHE A 31 3.90 28.68 10.88
CA PHE A 31 2.55 28.16 11.13
C PHE A 31 1.45 29.14 10.74
N SER A 32 0.42 28.62 10.07
CA SER A 32 -0.83 29.35 9.93
C SER A 32 -1.77 28.84 11.01
N VAL A 33 -2.57 29.74 11.58
CA VAL A 33 -3.52 29.39 12.63
C VAL A 33 -4.95 29.66 12.17
N ASP A 34 -5.80 28.65 12.29
CA ASP A 34 -7.21 28.80 11.99
C ASP A 34 -8.00 28.38 13.22
N ASP A 35 -8.49 29.37 13.97
CA ASP A 35 -9.07 29.14 15.28
C ASP A 35 -10.57 29.38 15.25
N ASN A 36 -11.34 28.30 15.25
CA ASN A 36 -12.80 28.38 15.18
C ASN A 36 -13.49 28.20 16.53
N GLY A 37 -12.73 28.32 17.61
CA GLY A 37 -13.29 28.10 18.94
C GLY A 37 -12.81 29.09 19.98
N SER A 38 -13.07 28.78 21.25
CA SER A 38 -12.64 29.63 22.35
C SER A 38 -11.67 28.88 23.25
N GLY A 39 -10.80 29.63 23.92
CA GLY A 39 -9.89 29.06 24.91
C GLY A 39 -8.77 28.19 24.35
N ASN A 40 -8.52 28.30 23.05
CA ASN A 40 -7.48 27.51 22.41
C ASN A 40 -6.11 28.13 22.60
N VAL A 41 -5.08 27.30 22.75
CA VAL A 41 -3.74 27.79 23.04
C VAL A 41 -2.70 27.20 22.09
N PHE A 42 -1.85 28.07 21.55
CA PHE A 42 -0.78 27.66 20.66
C PHE A 42 0.52 28.26 21.17
N VAL A 43 1.40 27.40 21.66
CA VAL A 43 2.67 27.81 22.27
C VAL A 43 3.81 27.24 21.45
N CYS A 44 4.55 28.11 20.78
CA CYS A 44 5.60 27.67 19.88
CA CYS A 44 5.62 27.70 19.88
C CYS A 44 6.97 28.20 20.29
N GLY A 45 7.95 27.31 20.38
CA GLY A 45 9.30 27.69 20.69
C GLY A 45 9.97 28.20 19.41
N ASP A 46 11.29 28.29 19.43
CA ASP A 46 12.00 28.75 18.25
C ASP A 46 12.32 27.55 17.37
N LEU A 47 11.56 27.43 16.28
CA LEU A 47 11.68 26.29 15.40
C LEU A 47 12.87 26.42 14.46
N VAL A 48 13.29 25.31 13.85
CA VAL A 48 14.37 25.33 12.89
C VAL A 48 13.93 24.67 11.59
N ASN A 49 14.41 25.20 10.47
CA ASN A 49 14.18 24.60 9.17
C ASN A 49 12.72 24.26 8.91
N SER A 50 11.82 25.08 9.42
CA SER A 50 10.39 24.76 9.38
C SER A 50 9.65 25.53 8.31
N LYS A 51 8.70 24.89 7.56
CA LYS A 51 7.76 25.67 6.77
C LYS A 51 6.36 25.04 6.73
N GLU A 52 5.51 25.79 6.06
CA GLU A 52 4.20 25.32 5.58
C GLU A 52 3.45 24.48 6.60
N ASN A 53 3.36 24.97 7.82
CA ASN A 53 2.67 24.25 8.88
C ASN A 53 1.31 24.87 9.17
N LYS A 54 0.40 24.09 9.72
CA LYS A 54 -0.95 24.58 9.99
C LYS A 54 -1.49 24.02 11.31
N VAL A 55 -2.18 24.85 12.07
CA VAL A 55 -2.95 24.33 13.19
C VAL A 55 -4.39 24.83 13.06
N GLN A 56 -5.34 23.92 13.22
CA GLN A 56 -6.74 24.29 13.12
C GLN A 56 -7.48 23.85 14.38
N PHE A 57 -8.17 24.79 15.02
CA PHE A 57 -8.94 24.47 16.21
C PHE A 57 -10.43 24.41 15.89
N ASN A 58 -10.97 23.21 15.75
CA ASN A 58 -12.41 23.04 15.55
C ASN A 58 -13.08 22.59 16.85
N GLY A 59 -12.98 23.44 17.86
CA GLY A 59 -13.45 23.11 19.20
C GLY A 59 -12.82 24.07 20.19
N ASN A 60 -12.99 23.78 21.47
CA ASN A 60 -12.61 24.70 22.53
C ASN A 60 -11.61 24.11 23.52
N ASN A 61 -10.84 24.99 24.18
CA ASN A 61 -9.94 24.58 25.24
C ASN A 61 -8.93 23.52 24.80
N ASN A 62 -8.42 23.70 23.58
CA ASN A 62 -7.38 22.83 23.04
C ASN A 62 -6.00 23.46 23.20
N LYS A 63 -4.96 22.63 23.19
CA LYS A 63 -3.61 23.15 23.36
C LYS A 63 -2.59 22.43 22.46
N LEU A 64 -1.82 23.23 21.71
CA LEU A 64 -0.68 22.71 20.96
C LEU A 64 0.57 23.39 21.48
N ILE A 65 1.53 22.60 21.95
CA ILE A 65 2.80 23.11 22.44
C ILE A 65 3.92 22.50 21.63
N ILE A 66 4.78 23.33 21.05
CA ILE A 66 5.94 22.84 20.31
C ILE A 66 7.17 23.47 20.93
N GLU A 67 8.12 22.63 21.34
CA GLU A 67 9.29 23.14 22.07
C GLU A 67 10.38 23.67 21.15
N ASP A 68 11.45 24.19 21.75
CA ASP A 68 12.56 24.78 20.99
C ASP A 68 13.27 23.77 20.10
N ASP A 69 13.77 24.25 18.97
CA ASP A 69 14.66 23.48 18.11
C ASP A 69 13.95 22.30 17.45
N VAL A 70 12.63 22.38 17.38
CA VAL A 70 11.85 21.40 16.64
C VAL A 70 11.79 21.82 15.17
N GLU A 71 11.85 20.84 14.28
CA GLU A 71 11.64 21.11 12.86
C GLU A 71 10.27 20.56 12.46
N CYS A 72 9.39 21.44 11.99
CA CYS A 72 8.10 21.02 11.45
C CYS A 72 8.05 21.43 9.99
N ARG A 73 7.79 20.46 9.12
CA ARG A 73 7.66 20.77 7.70
C ARG A 73 6.41 20.09 7.17
N TRP A 74 5.51 20.87 6.58
CA TRP A 74 4.24 20.35 6.09
C TRP A 74 3.48 19.58 7.16
N LEU A 75 3.48 20.13 8.38
CA LEU A 75 2.74 19.53 9.48
C LEU A 75 1.37 20.19 9.61
N THR A 76 0.33 19.38 9.65
CA THR A 76 -1.00 19.88 9.93
C THR A 76 -1.51 19.23 11.20
N VAL A 77 -1.88 20.06 12.17
CA VAL A 77 -2.47 19.58 13.40
C VAL A 77 -3.90 20.06 13.48
N ILE A 78 -4.85 19.12 13.46
CA ILE A 78 -6.26 19.45 13.48
C ILE A 78 -6.85 19.02 14.83
N PHE A 79 -7.54 19.95 15.49
CA PHE A 79 -8.24 19.65 16.73
C PHE A 79 -9.74 19.58 16.48
N ARG A 80 -10.33 18.55 16.97
CA ARG A 80 -11.76 18.35 16.79
C ARG A 80 -12.44 18.16 18.14
N GLY A 81 -13.38 18.97 18.50
CA GLY A 81 -13.93 18.95 19.83
C GLY A 81 -13.02 19.61 20.83
N ASP A 82 -13.20 19.27 22.11
CA ASP A 82 -12.60 20.06 23.19
C ASP A 82 -11.55 19.31 24.00
N ASN A 83 -10.73 20.09 24.69
CA ASN A 83 -9.85 19.55 25.72
C ASN A 83 -8.77 18.61 25.19
N ASN A 84 -8.38 18.79 23.93
CA ASN A 84 -7.29 18.02 23.32
C ASN A 84 -5.94 18.66 23.64
N TYR A 85 -4.89 17.86 23.50
CA TYR A 85 -3.55 18.31 23.85
C TYR A 85 -2.52 17.63 22.97
N VAL A 86 -1.70 18.42 22.28
CA VAL A 86 -0.62 17.89 21.46
C VAL A 86 0.66 18.60 21.87
N ARG A 87 1.70 17.84 22.20
CA ARG A 87 2.99 18.41 22.57
C ARG A 87 4.11 17.72 21.82
N ILE A 88 4.99 18.52 21.24
CA ILE A 88 6.13 18.00 20.52
C ILE A 88 7.39 18.49 21.21
N HIS A 89 8.20 17.57 21.71
CA HIS A 89 9.34 17.93 22.55
C HIS A 89 10.58 18.34 21.76
N LYS A 90 11.52 18.96 22.45
CA LYS A 90 12.68 19.56 21.80
C LYS A 90 13.49 18.64 20.88
N ASN A 91 14.03 19.24 19.83
CA ASN A 91 14.97 18.59 18.92
C ASN A 91 14.39 17.49 18.04
N SER A 92 13.07 17.36 18.04
CA SER A 92 12.41 16.40 17.15
CA SER A 92 12.39 16.40 17.16
C SER A 92 12.19 17.00 15.78
N LYS A 93 11.85 16.14 14.81
CA LYS A 93 11.59 16.55 13.44
C LYS A 93 10.32 15.87 12.99
N ILE A 94 9.35 16.64 12.52
CA ILE A 94 8.05 16.07 12.22
C ILE A 94 7.46 16.60 10.93
N LYS A 95 6.67 15.74 10.28
CA LYS A 95 5.93 16.07 9.07
C LYS A 95 4.60 15.36 9.20
N GLY A 96 3.65 15.69 8.34
CA GLY A 96 2.44 14.88 8.22
C GLY A 96 1.21 15.47 8.89
N ASP A 97 0.32 14.60 9.36
CA ASP A 97 -0.98 15.03 9.86
C ASP A 97 -1.34 14.43 11.20
N ILE A 98 -1.61 15.29 12.18
CA ILE A 98 -2.07 14.83 13.48
C ILE A 98 -3.49 15.32 13.71
N VAL A 99 -4.42 14.40 13.96
CA VAL A 99 -5.78 14.78 14.28
C VAL A 99 -6.11 14.37 15.71
N ALA A 100 -6.36 15.34 16.57
CA ALA A 100 -6.66 15.06 17.97
C ALA A 100 -8.13 15.34 18.19
N THR A 101 -8.87 14.28 18.52
CA THR A 101 -10.32 14.40 18.58
CA THR A 101 -10.34 14.33 18.56
C THR A 101 -10.92 14.04 19.94
N LYS A 102 -11.86 14.89 20.39
CA LYS A 102 -12.64 14.67 21.61
C LYS A 102 -11.84 14.33 22.87
N GLY A 103 -10.91 15.20 23.24
CA GLY A 103 -10.18 15.05 24.48
C GLY A 103 -9.05 14.05 24.39
N SER A 104 -8.38 14.02 23.25
CA SER A 104 -7.23 13.14 23.04
C SER A 104 -5.91 13.82 23.37
N LYS A 105 -4.86 13.03 23.58
CA LYS A 105 -3.55 13.60 23.87
C LYS A 105 -2.50 12.93 22.99
N VAL A 106 -1.77 13.73 22.20
CA VAL A 106 -0.72 13.20 21.35
C VAL A 106 0.60 13.85 21.75
N ILE A 107 1.56 13.01 22.14
CA ILE A 107 2.84 13.46 22.69
C ILE A 107 3.99 12.83 21.94
N ILE A 108 4.95 13.65 21.53
CA ILE A 108 6.11 13.16 20.80
C ILE A 108 7.36 13.57 21.57
N GLY A 109 8.19 12.59 21.93
CA GLY A 109 9.36 12.82 22.77
C GLY A 109 10.51 13.51 22.07
N ARG A 110 11.60 13.72 22.81
CA ARG A 110 12.74 14.50 22.31
C ARG A 110 13.59 13.76 21.28
N ARG A 111 14.11 14.51 20.31
CA ARG A 111 15.04 13.97 19.33
C ARG A 111 14.45 12.83 18.49
N THR A 112 13.13 12.80 18.39
CA THR A 112 12.48 11.80 17.55
C THR A 112 12.29 12.37 16.15
N THR A 113 12.56 11.56 15.13
CA THR A 113 12.38 11.98 13.74
C THR A 113 11.22 11.23 13.10
N ILE A 114 10.41 11.95 12.34
CA ILE A 114 9.20 11.39 11.75
C ILE A 114 9.12 11.78 10.27
N GLY A 115 9.03 10.77 9.41
CA GLY A 115 9.02 10.99 7.97
C GLY A 115 7.71 11.47 7.36
N ALA A 116 7.80 12.00 6.16
CA ALA A 116 6.61 12.40 5.40
C ALA A 116 5.56 11.29 5.36
N GLY A 117 4.30 11.67 5.36
CA GLY A 117 3.22 10.69 5.25
C GLY A 117 2.70 10.18 6.57
N PHE A 118 3.27 10.70 7.65
CA PHE A 118 2.81 10.42 9.01
C PHE A 118 1.34 10.79 9.21
N GLU A 119 0.58 9.89 9.82
CA GLU A 119 -0.82 10.14 10.14
C GLU A 119 -1.12 9.68 11.55
N VAL A 120 -1.78 10.53 12.35
CA VAL A 120 -2.28 10.11 13.65
C VAL A 120 -3.79 10.31 13.72
N VAL A 121 -4.50 9.28 14.16
CA VAL A 121 -5.96 9.32 14.30
C VAL A 121 -6.32 8.95 15.74
N THR A 122 -7.22 9.72 16.35
CA THR A 122 -7.57 9.53 17.75
C THR A 122 -9.08 9.69 17.97
N ASP A 123 -9.53 9.31 19.17
CA ASP A 123 -10.88 9.60 19.62
C ASP A 123 -10.94 9.36 21.13
N LYS A 124 -10.92 10.45 21.89
CA LYS A 124 -10.84 10.37 23.35
C LYS A 124 -9.80 9.34 23.82
N CYS A 125 -8.58 9.42 23.28
CA CYS A 125 -7.53 8.50 23.67
C CYS A 125 -6.16 9.11 23.49
N ASN A 126 -5.13 8.34 23.79
CA ASN A 126 -3.77 8.86 23.82
C ASN A 126 -2.88 8.16 22.82
N VAL A 127 -2.03 8.93 22.15
CA VAL A 127 -0.99 8.37 21.30
C VAL A 127 0.33 9.02 21.72
N THR A 128 1.29 8.19 22.10
CA THR A 128 2.57 8.68 22.59
CA THR A 128 2.57 8.70 22.56
C THR A 128 3.73 8.03 21.83
N ILE A 129 4.73 8.84 21.52
CA ILE A 129 5.98 8.34 20.94
C ILE A 129 7.10 8.84 21.83
N GLY A 130 8.00 7.93 22.22
CA GLY A 130 9.05 8.25 23.16
C GLY A 130 10.19 9.06 22.57
N HIS A 131 11.28 9.18 23.32
CA HIS A 131 12.46 9.91 22.87
C HIS A 131 13.26 9.06 21.88
N ASP A 132 14.04 9.73 21.04
CA ASP A 132 15.03 9.07 20.18
C ASP A 132 14.47 7.99 19.26
N CYS A 133 13.23 8.16 18.82
CA CYS A 133 12.63 7.22 17.88
C CYS A 133 12.94 7.61 16.44
N MET A 134 13.02 6.59 15.59
CA MET A 134 13.17 6.81 14.16
C MET A 134 11.91 6.26 13.49
N ILE A 135 11.02 7.18 13.09
CA ILE A 135 9.76 6.82 12.44
C ILE A 135 9.90 7.14 10.95
N ALA A 136 9.89 6.11 10.12
CA ALA A 136 10.09 6.27 8.69
C ALA A 136 8.89 6.95 8.02
N ARG A 137 8.96 7.09 6.69
CA ARG A 137 7.85 7.66 5.93
C ARG A 137 6.61 6.76 5.94
N ASP A 138 5.44 7.36 5.73
CA ASP A 138 4.16 6.67 5.61
C ASP A 138 3.85 5.75 6.78
N VAL A 139 3.94 6.29 7.98
CA VAL A 139 3.58 5.55 9.18
C VAL A 139 2.28 6.12 9.73
N ILE A 140 1.30 5.23 9.95
CA ILE A 140 0.00 5.60 10.47
C ILE A 140 -0.20 5.00 11.86
N LEU A 141 -0.51 5.87 12.82
CA LEU A 141 -0.85 5.44 14.16
C LEU A 141 -2.35 5.63 14.31
N ARG A 142 -3.08 4.52 14.17
CA ARG A 142 -4.54 4.56 14.12
C ARG A 142 -5.15 4.06 15.43
N ALA A 143 -5.38 5.00 16.37
CA ALA A 143 -5.89 4.63 17.69
C ALA A 143 -7.41 4.52 17.71
N SER A 144 -8.05 4.99 16.64
CA SER A 144 -9.50 4.97 16.49
C SER A 144 -9.87 4.40 15.13
N ASP A 145 -10.92 3.58 15.08
CA ASP A 145 -11.35 2.95 13.83
C ASP A 145 -12.10 3.88 12.89
N GLY A 146 -12.65 4.95 13.44
CA GLY A 146 -13.36 5.94 12.63
C GLY A 146 -14.86 5.69 12.52
N HIS A 147 -15.26 4.42 12.67
CA HIS A 147 -16.68 4.06 12.64
C HIS A 147 -16.94 2.93 13.62
N PRO A 148 -18.15 2.89 14.20
CA PRO A 148 -18.39 1.90 15.25
C PRO A 148 -18.71 0.50 14.72
N ILE A 149 -18.27 -0.50 15.47
CA ILE A 149 -18.64 -1.89 15.21
C ILE A 149 -19.32 -2.41 16.48
N PHE A 150 -20.40 -3.16 16.30
CA PHE A 150 -21.20 -3.67 17.42
C PHE A 150 -21.23 -5.19 17.43
N ASP A 151 -21.41 -5.76 18.62
CA ASP A 151 -21.72 -7.17 18.75
C ASP A 151 -23.22 -7.36 18.47
N ILE A 152 -23.57 -8.34 17.65
CA ILE A 152 -24.95 -8.48 17.20
C ILE A 152 -25.89 -8.97 18.30
N HIS A 153 -25.31 -9.58 19.32
CA HIS A 153 -26.10 -10.15 20.40
C HIS A 153 -26.30 -9.15 21.54
N SER A 154 -25.23 -8.48 21.95
CA SER A 154 -25.34 -7.47 23.00
C SER A 154 -25.83 -6.13 22.45
N LYS A 155 -25.59 -5.89 21.17
CA LYS A 155 -26.01 -4.67 20.49
C LYS A 155 -25.13 -3.47 20.86
N LYS A 156 -24.11 -3.74 21.66
CA LYS A 156 -23.20 -2.70 22.14
C LYS A 156 -21.95 -2.58 21.29
N ARG A 157 -21.42 -1.38 21.21
CA ARG A 157 -20.17 -1.13 20.49
C ARG A 157 -19.01 -1.89 21.13
N ILE A 158 -18.13 -2.44 20.30
CA ILE A 158 -17.01 -3.23 20.80
C ILE A 158 -15.66 -2.80 20.25
N ASN A 159 -15.64 -1.72 19.46
CA ASN A 159 -14.37 -1.24 18.93
C ASN A 159 -14.02 0.17 19.39
N TRP A 160 -14.15 0.41 20.68
CA TRP A 160 -13.77 1.69 21.27
C TRP A 160 -12.29 1.96 21.02
N ALA A 161 -11.94 3.23 20.82
CA ALA A 161 -10.55 3.62 20.62
C ALA A 161 -9.68 3.20 21.80
N LYS A 162 -8.41 2.90 21.52
CA LYS A 162 -7.48 2.47 22.55
C LYS A 162 -6.11 3.09 22.31
N ASP A 163 -5.44 3.45 23.39
CA ASP A 163 -4.16 4.15 23.32
C ASP A 163 -3.11 3.40 22.53
N ILE A 164 -2.23 4.15 21.87
CA ILE A 164 -1.05 3.59 21.24
C ILE A 164 0.15 4.17 21.96
N ILE A 165 1.07 3.31 22.39
CA ILE A 165 2.26 3.76 23.10
C ILE A 165 3.53 3.24 22.44
N ILE A 166 4.30 4.14 21.84
CA ILE A 166 5.58 3.75 21.27
C ILE A 166 6.64 4.20 22.25
N SER A 167 7.39 3.25 22.80
CA SER A 167 8.42 3.57 23.78
C SER A 167 9.58 4.32 23.16
N SER A 168 10.53 4.70 23.99
CA SER A 168 11.73 5.38 23.51
C SER A 168 12.61 4.45 22.66
N TYR A 169 13.33 5.06 21.73
CA TYR A 169 14.31 4.34 20.91
C TYR A 169 13.71 3.17 20.12
N VAL A 170 12.63 3.46 19.40
CA VAL A 170 11.99 2.47 18.52
C VAL A 170 12.17 2.92 17.08
N TRP A 171 12.45 1.97 16.18
CA TRP A 171 12.55 2.25 14.76
C TRP A 171 11.29 1.65 14.13
N VAL A 172 10.42 2.51 13.60
CA VAL A 172 9.26 2.03 12.84
C VAL A 172 9.57 2.23 11.37
N GLY A 173 9.54 1.15 10.62
CA GLY A 173 9.90 1.17 9.21
C GLY A 173 8.85 1.83 8.33
N ARG A 174 9.14 1.94 7.04
CA ARG A 174 8.28 2.64 6.11
C ARG A 174 7.00 1.88 5.81
N ASN A 175 5.93 2.63 5.52
CA ASN A 175 4.66 2.03 5.13
CA ASN A 175 4.66 2.02 5.13
C ASN A 175 4.14 1.04 6.18
N VAL A 176 4.06 1.51 7.42
CA VAL A 176 3.60 0.71 8.55
C VAL A 176 2.35 1.35 9.15
N SER A 177 1.38 0.54 9.56
CA SER A 177 0.29 1.01 10.41
C SER A 177 0.39 0.35 11.78
N ILE A 178 0.29 1.14 12.83
CA ILE A 178 0.16 0.63 14.18
C ILE A 178 -1.29 0.84 14.57
N MET A 179 -1.99 -0.22 14.96
CA MET A 179 -3.41 -0.16 15.20
C MET A 179 -3.69 0.08 16.67
N LYS A 180 -4.96 0.19 17.02
CA LYS A 180 -5.35 0.64 18.35
C LYS A 180 -4.95 -0.31 19.47
N GLY A 181 -4.63 0.27 20.62
CA GLY A 181 -4.29 -0.51 21.80
C GLY A 181 -2.91 -1.13 21.82
N VAL A 182 -2.07 -0.80 20.85
CA VAL A 182 -0.74 -1.40 20.73
C VAL A 182 0.36 -0.62 21.44
N SER A 183 1.19 -1.33 22.20
CA SER A 183 2.41 -0.77 22.76
C SER A 183 3.61 -1.41 22.07
N VAL A 184 4.61 -0.61 21.74
CA VAL A 184 5.86 -1.13 21.19
C VAL A 184 6.97 -0.80 22.16
N GLY A 185 7.62 -1.84 22.68
CA GLY A 185 8.64 -1.67 23.71
C GLY A 185 9.93 -1.03 23.24
N SER A 186 10.70 -0.52 24.19
CA SER A 186 11.92 0.20 23.88
C SER A 186 12.97 -0.65 23.14
N GLY A 187 13.63 -0.05 22.15
CA GLY A 187 14.69 -0.70 21.40
C GLY A 187 14.21 -1.59 20.27
N SER A 188 12.90 -1.64 20.07
CA SER A 188 12.35 -2.57 19.10
C SER A 188 12.31 -2.00 17.68
N VAL A 189 12.04 -2.89 16.73
CA VAL A 189 12.02 -2.54 15.31
C VAL A 189 10.76 -3.10 14.66
N ILE A 190 10.05 -2.25 13.92
CA ILE A 190 8.89 -2.68 13.16
C ILE A 190 9.25 -2.68 11.69
N GLY A 191 9.09 -3.82 11.03
CA GLY A 191 9.55 -3.96 9.67
C GLY A 191 8.70 -3.23 8.65
N TYR A 192 9.32 -2.87 7.53
CA TYR A 192 8.63 -2.29 6.39
C TYR A 192 7.33 -3.02 6.10
N GLY A 193 6.26 -2.26 5.88
CA GLY A 193 5.00 -2.80 5.39
C GLY A 193 4.12 -3.51 6.40
N SER A 194 4.52 -3.47 7.67
CA SER A 194 3.80 -4.15 8.73
C SER A 194 2.47 -3.50 9.04
N ILE A 195 1.51 -4.33 9.48
CA ILE A 195 0.37 -3.80 10.21
C ILE A 195 0.39 -4.47 11.59
N VAL A 196 0.61 -3.64 12.61
CA VAL A 196 0.83 -4.13 13.97
C VAL A 196 -0.47 -4.06 14.77
N THR A 197 -0.96 -5.21 15.20
CA THR A 197 -2.25 -5.28 15.88
C THR A 197 -2.16 -5.73 17.34
N LYS A 198 -0.99 -6.19 17.76
CA LYS A 198 -0.78 -6.62 19.13
C LYS A 198 0.51 -6.04 19.67
N ASP A 199 0.65 -6.01 21.01
CA ASP A 199 1.84 -5.46 21.64
C ASP A 199 3.14 -6.09 21.12
N VAL A 200 4.18 -5.28 20.99
CA VAL A 200 5.51 -5.76 20.64
C VAL A 200 6.44 -5.50 21.82
N PRO A 201 7.02 -6.56 22.41
CA PRO A 201 7.84 -6.36 23.61
C PRO A 201 9.14 -5.61 23.30
N SER A 202 9.84 -5.21 24.36
CA SER A 202 11.10 -4.52 24.23
C SER A 202 12.17 -5.36 23.53
N MET A 203 13.02 -4.70 22.76
CA MET A 203 14.13 -5.33 22.08
C MET A 203 13.71 -6.50 21.18
N CYS A 204 12.66 -6.29 20.39
CA CYS A 204 12.22 -7.30 19.44
C CYS A 204 12.05 -6.69 18.06
N ALA A 205 12.13 -7.53 17.04
CA ALA A 205 11.79 -7.12 15.68
C ALA A 205 10.50 -7.81 15.28
N ALA A 206 9.56 -7.05 14.74
CA ALA A 206 8.27 -7.59 14.33
C ALA A 206 8.00 -7.16 12.90
N ALA A 207 7.30 -8.01 12.16
CA ALA A 207 6.92 -7.69 10.78
C ALA A 207 5.75 -8.53 10.33
N GLY A 208 5.08 -8.07 9.26
CA GLY A 208 3.99 -8.83 8.67
C GLY A 208 2.65 -8.12 8.74
N ASN A 209 1.66 -8.69 8.08
CA ASN A 209 0.30 -8.18 8.18
C ASN A 209 -0.67 -9.35 8.34
N PRO A 210 -1.08 -9.65 9.58
CA PRO A 210 -0.72 -8.91 10.80
C PRO A 210 0.68 -9.24 11.28
N ALA A 211 1.32 -8.27 11.94
CA ALA A 211 2.70 -8.44 12.37
C ALA A 211 2.87 -9.55 13.40
N LYS A 212 4.02 -10.20 13.33
CA LYS A 212 4.43 -11.18 14.33
C LYS A 212 5.89 -10.94 14.71
N ILE A 213 6.30 -11.42 15.88
CA ILE A 213 7.69 -11.26 16.29
C ILE A 213 8.57 -12.17 15.46
N ILE A 214 9.59 -11.60 14.84
CA ILE A 214 10.47 -12.39 13.98
C ILE A 214 11.86 -12.61 14.58
N LYS A 215 12.24 -11.74 15.51
CA LYS A 215 13.50 -11.88 16.21
C LYS A 215 13.44 -11.26 17.61
N ARG A 216 14.05 -11.92 18.58
CA ARG A 216 14.13 -11.36 19.93
C ARG A 216 15.58 -11.02 20.28
N ASN A 217 15.76 -10.31 21.39
CA ASN A 217 17.10 -9.95 21.83
C ASN A 217 17.87 -9.10 20.81
N ILE A 218 17.21 -8.08 20.27
CA ILE A 218 17.85 -7.22 19.29
C ILE A 218 17.75 -5.75 19.66
N ILE A 219 18.58 -4.95 19.02
CA ILE A 219 18.50 -3.50 19.12
C ILE A 219 19.04 -2.92 17.82
N TRP A 220 18.63 -1.70 17.51
CA TRP A 220 19.00 -1.08 16.24
C TRP A 220 19.86 0.14 16.47
N ALA A 221 20.47 0.65 15.40
CA ALA A 221 21.17 1.94 15.45
C ALA A 221 20.95 2.71 14.17
N ARG A 222 21.06 4.03 14.26
CA ARG A 222 20.78 4.92 13.13
C ARG A 222 21.91 4.90 12.09
N THR A 223 23.15 5.07 12.53
CA THR A 223 24.28 5.15 11.61
C THR A 223 24.56 3.79 10.96
N ASP A 224 24.86 3.80 9.67
CA ASP A 224 25.03 2.56 8.92
C ASP A 224 26.44 1.95 8.97
N LYS A 225 27.39 2.68 9.54
CA LYS A 225 28.75 2.13 9.68
C LYS A 225 29.03 1.59 11.09
N ALA A 226 27.97 1.43 11.88
CA ALA A 226 28.11 0.80 13.19
C ALA A 226 28.11 -0.71 13.03
N GLU A 227 29.19 -1.36 13.40
CA GLU A 227 29.32 -2.81 13.28
C GLU A 227 29.13 -3.48 14.63
N LEU A 228 29.31 -2.70 15.69
CA LEU A 228 29.09 -3.15 17.05
C LEU A 228 28.23 -2.13 17.78
N ILE A 229 27.46 -2.59 18.75
CA ILE A 229 26.64 -1.69 19.55
C ILE A 229 27.47 -0.52 20.10
N SER A 230 28.70 -0.81 20.51
CA SER A 230 29.58 0.21 21.07
C SER A 230 30.03 1.27 20.07
N ASP A 231 29.75 1.03 18.78
CA ASP A 231 30.11 1.99 17.73
C ASP A 231 29.19 3.21 17.71
N ASP A 232 28.01 3.07 18.30
CA ASP A 232 27.05 4.17 18.34
C ASP A 232 26.67 4.54 19.77
N LYS A 233 26.85 5.79 20.13
CA LYS A 233 26.59 6.27 21.45
C LYS A 233 25.17 6.13 21.92
N ARG A 234 24.21 6.50 21.11
CA ARG A 234 22.82 6.38 21.52
C ARG A 234 22.39 4.92 21.62
N CYS A 235 22.83 4.09 20.68
CA CYS A 235 22.59 2.66 20.79
C CYS A 235 23.24 2.09 22.05
N SER A 236 24.49 2.45 22.31
CA SER A 236 25.19 1.95 23.50
C SER A 236 24.45 2.35 24.78
N SER A 237 24.01 3.60 24.81
CA SER A 237 23.30 4.15 25.96
C SER A 237 22.02 3.38 26.27
N TYR A 238 21.15 3.21 25.27
CA TYR A 238 19.91 2.47 25.46
C TYR A 238 20.14 0.97 25.74
N HIS A 239 21.13 0.40 25.06
CA HIS A 239 21.45 -1.00 25.29
C HIS A 239 21.82 -1.21 26.76
N ALA A 240 22.64 -0.31 27.29
CA ALA A 240 23.05 -0.38 28.69
C ALA A 240 21.84 -0.29 29.63
N LYS A 241 20.98 0.71 29.40
CA LYS A 241 19.78 0.86 30.22
C LYS A 241 18.86 -0.34 30.12
N LEU A 242 18.74 -0.90 28.92
CA LEU A 242 17.80 -1.99 28.69
C LEU A 242 18.27 -3.35 29.21
N THR A 243 19.58 -3.57 29.21
CA THR A 243 20.10 -4.87 29.63
C THR A 243 20.47 -4.87 31.11
N GLN A 244 20.45 -3.68 31.72
CA GLN A 244 20.63 -3.57 33.16
C GLN A 244 19.28 -3.69 33.87
N LEU A 245 18.29 -2.93 33.41
CA LEU A 245 16.97 -2.98 34.01
C LEU A 245 16.24 -4.29 33.68
N LYS B 19 -20.76 20.54 -23.51
CA LYS B 19 -22.13 20.30 -23.99
C LYS B 19 -22.33 18.86 -24.45
N THR B 20 -21.53 17.94 -23.89
CA THR B 20 -21.67 16.53 -24.18
C THR B 20 -23.08 16.04 -23.89
N GLN B 21 -23.59 15.11 -24.70
CA GLN B 21 -24.90 14.52 -24.45
C GLN B 21 -24.78 12.99 -24.33
N ASP B 22 -25.72 12.37 -23.63
CA ASP B 22 -25.77 10.91 -23.59
C ASP B 22 -26.50 10.39 -24.83
N SER B 23 -26.72 9.07 -24.91
CA SER B 23 -27.25 8.46 -26.13
C SER B 23 -28.69 8.89 -26.43
N ARG B 24 -29.41 9.35 -25.41
CA ARG B 24 -30.77 9.81 -25.65
C ARG B 24 -30.84 11.32 -25.77
N LEU B 25 -29.68 11.94 -26.00
CA LEU B 25 -29.61 13.37 -26.28
C LEU B 25 -29.78 14.28 -25.06
N LYS B 26 -29.52 13.74 -23.88
CA LYS B 26 -29.58 14.51 -22.64
C LYS B 26 -28.21 15.08 -22.30
N THR B 27 -28.14 16.38 -22.05
CA THR B 27 -26.86 17.03 -21.78
C THR B 27 -26.26 16.56 -20.45
N GLN B 28 -24.96 16.22 -20.48
CA GLN B 28 -24.22 15.82 -19.29
C GLN B 28 -22.91 16.58 -19.22
N ASP B 29 -22.92 17.75 -18.59
CA ASP B 29 -21.77 18.63 -18.61
C ASP B 29 -20.56 18.09 -17.84
N SER B 30 -20.77 17.03 -17.05
CA SER B 30 -19.67 16.49 -16.25
C SER B 30 -18.93 15.34 -16.95
N PHE B 31 -19.47 14.88 -18.08
CA PHE B 31 -18.88 13.74 -18.78
C PHE B 31 -18.25 14.11 -20.11
N SER B 32 -17.17 13.42 -20.44
CA SER B 32 -16.65 13.37 -21.80
C SER B 32 -16.89 11.97 -22.28
N VAL B 33 -17.33 11.82 -23.52
CA VAL B 33 -17.62 10.51 -24.06
C VAL B 33 -16.81 10.27 -25.32
N ASP B 34 -16.14 9.13 -25.37
CA ASP B 34 -15.41 8.74 -26.56
C ASP B 34 -15.85 7.34 -26.99
N ASP B 35 -16.30 7.21 -28.23
CA ASP B 35 -16.90 5.97 -28.68
C ASP B 35 -16.22 5.48 -29.96
N ASN B 36 -15.53 4.35 -29.86
CA ASN B 36 -14.83 3.78 -31.00
C ASN B 36 -15.53 2.57 -31.62
N GLY B 37 -16.72 2.26 -31.13
CA GLY B 37 -17.44 1.09 -31.58
C GLY B 37 -18.86 1.40 -32.02
N SER B 38 -19.65 0.35 -32.26
CA SER B 38 -21.03 0.51 -32.70
C SER B 38 -22.01 -0.03 -31.66
N GLY B 39 -23.23 0.51 -31.68
CA GLY B 39 -24.31 0.00 -30.86
C GLY B 39 -24.22 0.35 -29.39
N ASN B 40 -23.23 1.16 -29.02
CA ASN B 40 -23.02 1.52 -27.62
C ASN B 40 -24.07 2.49 -27.09
N VAL B 41 -24.40 2.36 -25.80
CA VAL B 41 -25.42 3.20 -25.18
C VAL B 41 -24.97 3.74 -23.83
N PHE B 42 -25.14 5.04 -23.64
CA PHE B 42 -24.87 5.69 -22.36
C PHE B 42 -26.16 6.37 -21.95
N VAL B 43 -26.75 5.91 -20.85
CA VAL B 43 -27.96 6.52 -20.31
C VAL B 43 -27.60 7.16 -18.97
N CYS B 44 -27.77 8.46 -18.87
CA CYS B 44 -27.32 9.18 -17.68
C CYS B 44 -28.42 10.05 -17.12
N GLY B 45 -28.72 9.87 -15.84
CA GLY B 45 -29.74 10.65 -15.17
C GLY B 45 -29.27 12.03 -14.76
N ASP B 46 -30.07 12.69 -13.93
CA ASP B 46 -29.70 14.00 -13.41
C ASP B 46 -28.76 13.83 -12.24
N LEU B 47 -27.47 14.09 -12.46
CA LEU B 47 -26.46 13.82 -11.45
C LEU B 47 -26.35 14.98 -10.48
N VAL B 48 -25.67 14.73 -9.36
CA VAL B 48 -25.45 15.76 -8.36
CA VAL B 48 -25.46 15.73 -8.34
C VAL B 48 -23.97 15.90 -8.04
N ASN B 49 -23.54 17.15 -7.85
CA ASN B 49 -22.16 17.45 -7.46
C ASN B 49 -21.10 16.70 -8.25
N SER B 50 -21.29 16.56 -9.56
CA SER B 50 -20.43 15.72 -10.40
C SER B 50 -19.46 16.53 -11.27
N LYS B 51 -18.29 15.96 -11.54
CA LYS B 51 -17.29 16.64 -12.35
C LYS B 51 -16.22 15.69 -12.88
N GLU B 52 -15.66 16.04 -14.03
CA GLU B 52 -14.43 15.43 -14.54
C GLU B 52 -14.57 13.93 -14.78
N ASN B 53 -15.69 13.52 -15.34
CA ASN B 53 -15.95 12.10 -15.60
C ASN B 53 -15.72 11.74 -17.06
N LYS B 54 -15.42 10.47 -17.31
CA LYS B 54 -15.14 10.02 -18.67
C LYS B 54 -15.71 8.62 -18.93
N VAL B 55 -16.26 8.43 -20.13
CA VAL B 55 -16.63 7.10 -20.59
C VAL B 55 -15.94 6.84 -21.93
N GLN B 56 -15.33 5.67 -22.03
CA GLN B 56 -14.59 5.27 -23.22
C GLN B 56 -15.13 3.93 -23.69
N PHE B 57 -15.69 3.89 -24.89
CA PHE B 57 -16.17 2.65 -25.47
C PHE B 57 -15.14 2.15 -26.48
N ASN B 58 -14.41 1.10 -26.11
CA ASN B 58 -13.47 0.47 -27.04
C ASN B 58 -14.01 -0.89 -27.47
N GLY B 59 -15.22 -0.90 -28.00
CA GLY B 59 -15.89 -2.12 -28.39
C GLY B 59 -17.33 -1.83 -28.77
N ASN B 60 -18.11 -2.88 -28.98
CA ASN B 60 -19.48 -2.73 -29.47
C ASN B 60 -20.54 -3.23 -28.49
N ASN B 61 -21.75 -2.68 -28.62
CA ASN B 61 -22.91 -3.19 -27.90
C ASN B 61 -22.71 -3.19 -26.40
N ASN B 62 -22.06 -2.15 -25.90
CA ASN B 62 -21.89 -1.96 -24.45
C ASN B 62 -22.98 -1.03 -23.93
N LYS B 63 -23.22 -1.09 -22.63
CA LYS B 63 -24.18 -0.18 -22.01
C LYS B 63 -23.70 0.34 -20.66
N LEU B 64 -23.74 1.65 -20.51
CA LEU B 64 -23.50 2.31 -19.23
C LEU B 64 -24.77 3.02 -18.80
N ILE B 65 -25.25 2.70 -17.60
CA ILE B 65 -26.42 3.33 -17.02
C ILE B 65 -26.03 3.96 -15.69
N ILE B 66 -26.26 5.27 -15.57
CA ILE B 66 -26.03 5.93 -14.29
C ILE B 66 -27.32 6.65 -13.91
N GLU B 67 -27.85 6.33 -12.73
CA GLU B 67 -29.18 6.81 -12.37
C GLU B 67 -29.19 8.23 -11.81
N ASP B 68 -30.39 8.76 -11.59
CA ASP B 68 -30.56 10.09 -11.00
C ASP B 68 -29.86 10.15 -9.64
N ASP B 69 -29.36 11.34 -9.30
CA ASP B 69 -28.84 11.64 -7.98
C ASP B 69 -27.58 10.87 -7.59
N VAL B 70 -26.90 10.32 -8.58
CA VAL B 70 -25.58 9.76 -8.36
C VAL B 70 -24.56 10.90 -8.41
N GLU B 71 -23.55 10.84 -7.56
CA GLU B 71 -22.45 11.77 -7.63
C GLU B 71 -21.23 11.06 -8.20
N CYS B 72 -20.81 11.47 -9.39
CA CYS B 72 -19.60 10.93 -10.01
C CYS B 72 -18.56 12.02 -10.04
N ARG B 73 -17.42 11.77 -9.39
CA ARG B 73 -16.31 12.71 -9.43
C ARG B 73 -15.01 12.00 -9.80
N TRP B 74 -14.40 12.46 -10.89
CA TRP B 74 -13.21 11.80 -11.45
C TRP B 74 -13.45 10.32 -11.66
N LEU B 75 -14.64 9.99 -12.18
CA LEU B 75 -14.94 8.62 -12.55
C LEU B 75 -14.57 8.41 -14.02
N THR B 76 -13.87 7.30 -14.29
CA THR B 76 -13.58 6.88 -15.67
C THR B 76 -14.12 5.46 -15.82
N VAL B 77 -14.97 5.26 -16.82
CA VAL B 77 -15.50 3.94 -17.14
C VAL B 77 -15.00 3.56 -18.52
N ILE B 78 -14.24 2.47 -18.60
CA ILE B 78 -13.68 2.01 -19.86
C ILE B 78 -14.30 0.68 -20.24
N PHE B 79 -14.81 0.60 -21.46
CA PHE B 79 -15.38 -0.64 -21.99
C PHE B 79 -14.41 -1.25 -23.00
N ARG B 80 -13.93 -2.45 -22.71
CA ARG B 80 -13.04 -3.16 -23.64
C ARG B 80 -13.78 -4.35 -24.22
N GLY B 81 -13.87 -4.42 -25.54
CA GLY B 81 -14.61 -5.50 -26.15
C GLY B 81 -16.10 -5.24 -26.10
N ASP B 82 -16.89 -6.29 -26.21
CA ASP B 82 -18.32 -6.17 -26.50
C ASP B 82 -19.22 -6.69 -25.39
N ASN B 83 -20.47 -6.22 -25.41
CA ASN B 83 -21.52 -6.78 -24.58
C ASN B 83 -21.27 -6.62 -23.08
N ASN B 84 -20.53 -5.58 -22.71
CA ASN B 84 -20.35 -5.22 -21.31
C ASN B 84 -21.50 -4.37 -20.81
N TYR B 85 -21.68 -4.34 -19.49
CA TYR B 85 -22.81 -3.66 -18.87
C TYR B 85 -22.35 -3.09 -17.53
N VAL B 86 -22.55 -1.80 -17.33
CA VAL B 86 -22.24 -1.16 -16.06
C VAL B 86 -23.46 -0.34 -15.63
N ARG B 87 -23.93 -0.59 -14.41
CA ARG B 87 -25.09 0.15 -13.90
C ARG B 87 -24.79 0.68 -12.52
N ILE B 88 -24.94 1.99 -12.37
CA ILE B 88 -24.71 2.64 -11.09
C ILE B 88 -26.04 3.18 -10.56
N HIS B 89 -26.49 2.62 -9.44
CA HIS B 89 -27.82 2.92 -8.92
C HIS B 89 -27.92 4.27 -8.20
N LYS B 90 -29.14 4.76 -8.07
CA LYS B 90 -29.40 6.09 -7.53
C LYS B 90 -28.80 6.37 -6.16
N ASN B 91 -28.43 7.63 -5.95
CA ASN B 91 -27.98 8.14 -4.65
C ASN B 91 -26.64 7.60 -4.17
N SER B 92 -25.92 6.95 -5.07
CA SER B 92 -24.57 6.48 -4.75
CA SER B 92 -24.58 6.50 -4.72
C SER B 92 -23.56 7.59 -5.01
N LYS B 93 -22.34 7.41 -4.51
CA LYS B 93 -21.28 8.39 -4.72
C LYS B 93 -20.05 7.61 -5.16
N ILE B 94 -19.50 7.98 -6.32
CA ILE B 94 -18.42 7.17 -6.89
C ILE B 94 -17.28 8.01 -7.48
N LYS B 95 -16.08 7.45 -7.35
CA LYS B 95 -14.87 7.99 -7.92
C LYS B 95 -14.07 6.79 -8.43
N GLY B 96 -13.03 7.03 -9.22
CA GLY B 96 -12.12 5.97 -9.61
C GLY B 96 -12.27 5.43 -11.01
N ASP B 97 -11.80 4.20 -11.20
CA ASP B 97 -11.72 3.61 -12.54
C ASP B 97 -12.44 2.28 -12.58
N ILE B 98 -13.42 2.18 -13.48
CA ILE B 98 -14.11 0.92 -13.70
C ILE B 98 -13.82 0.43 -15.10
N VAL B 99 -13.20 -0.75 -15.20
CA VAL B 99 -12.92 -1.33 -16.51
C VAL B 99 -13.72 -2.61 -16.69
N ALA B 100 -14.62 -2.60 -17.69
CA ALA B 100 -15.49 -3.74 -18.00
C ALA B 100 -15.01 -4.36 -19.30
N THR B 101 -14.55 -5.60 -19.21
CA THR B 101 -13.78 -6.20 -20.30
C THR B 101 -14.40 -7.48 -20.80
N LYS B 102 -14.60 -7.56 -22.10
CA LYS B 102 -15.04 -8.77 -22.73
C LYS B 102 -16.28 -9.45 -22.20
N GLY B 103 -17.31 -8.65 -22.05
CA GLY B 103 -18.60 -9.17 -21.63
C GLY B 103 -18.75 -9.27 -20.13
N SER B 104 -18.28 -8.25 -19.43
CA SER B 104 -18.40 -8.21 -17.97
C SER B 104 -19.58 -7.34 -17.55
N LYS B 105 -20.07 -7.58 -16.33
CA LYS B 105 -21.11 -6.76 -15.73
C LYS B 105 -20.59 -6.16 -14.42
N VAL B 106 -20.75 -4.86 -14.26
CA VAL B 106 -20.34 -4.22 -13.01
C VAL B 106 -21.56 -3.46 -12.53
N ILE B 107 -22.00 -3.76 -11.31
CA ILE B 107 -23.19 -3.12 -10.75
CA ILE B 107 -23.20 -3.14 -10.75
C ILE B 107 -22.87 -2.56 -9.39
N ILE B 108 -23.31 -1.33 -9.15
CA ILE B 108 -23.10 -0.67 -7.88
C ILE B 108 -24.46 -0.21 -7.33
N GLY B 109 -24.81 -0.68 -6.15
CA GLY B 109 -26.15 -0.49 -5.60
C GLY B 109 -26.45 0.89 -5.07
N ARG B 110 -27.67 1.06 -4.57
CA ARG B 110 -28.16 2.35 -4.09
C ARG B 110 -27.50 2.82 -2.81
N ARG B 111 -27.26 4.13 -2.72
CA ARG B 111 -26.75 4.76 -1.50
C ARG B 111 -25.39 4.22 -1.07
N THR B 112 -24.64 3.67 -2.02
CA THR B 112 -23.30 3.20 -1.72
C THR B 112 -22.29 4.33 -1.97
N THR B 113 -21.31 4.46 -1.08
CA THR B 113 -20.28 5.48 -1.24
C THR B 113 -18.93 4.84 -1.51
N ILE B 114 -18.19 5.43 -2.44
CA ILE B 114 -16.93 4.84 -2.87
C ILE B 114 -15.86 5.93 -2.92
N GLY B 115 -14.76 5.69 -2.22
CA GLY B 115 -13.69 6.66 -2.11
C GLY B 115 -12.73 6.72 -3.28
N ALA B 116 -11.94 7.79 -3.32
CA ALA B 116 -10.96 7.97 -4.38
C ALA B 116 -9.99 6.81 -4.45
N GLY B 117 -9.52 6.49 -5.65
CA GLY B 117 -8.56 5.42 -5.82
C GLY B 117 -9.21 4.07 -6.08
N PHE B 118 -10.53 4.08 -6.22
CA PHE B 118 -11.29 2.87 -6.55
C PHE B 118 -10.87 2.31 -7.91
N GLU B 119 -10.67 1.00 -8.00
CA GLU B 119 -10.40 0.34 -9.29
C GLU B 119 -11.19 -0.95 -9.39
N VAL B 120 -11.83 -1.18 -10.54
CA VAL B 120 -12.43 -2.48 -10.84
C VAL B 120 -11.76 -3.10 -12.06
N VAL B 121 -11.34 -4.36 -11.94
CA VAL B 121 -10.70 -5.09 -13.04
C VAL B 121 -11.55 -6.34 -13.34
N THR B 122 -11.90 -6.54 -14.60
CA THR B 122 -12.72 -7.70 -14.97
C THR B 122 -12.18 -8.42 -16.21
N ASP B 123 -12.77 -9.56 -16.51
CA ASP B 123 -12.55 -10.26 -17.78
C ASP B 123 -13.63 -11.31 -17.95
N LYS B 124 -14.65 -10.97 -18.72
CA LYS B 124 -15.82 -11.83 -18.92
C LYS B 124 -16.31 -12.36 -17.58
N CYS B 125 -16.51 -11.45 -16.64
CA CYS B 125 -17.01 -11.84 -15.33
C CYS B 125 -17.77 -10.68 -14.68
N ASN B 126 -18.20 -10.86 -13.45
CA ASN B 126 -19.09 -9.88 -12.83
C ASN B 126 -18.52 -9.35 -11.54
N VAL B 127 -18.64 -8.05 -11.34
CA VAL B 127 -18.31 -7.46 -10.05
C VAL B 127 -19.52 -6.68 -9.59
N THR B 128 -19.99 -6.99 -8.38
CA THR B 128 -21.23 -6.41 -7.87
C THR B 128 -21.00 -5.86 -6.48
N ILE B 129 -21.50 -4.65 -6.23
CA ILE B 129 -21.52 -4.08 -4.89
C ILE B 129 -22.96 -3.79 -4.53
N GLY B 130 -23.38 -4.24 -3.36
CA GLY B 130 -24.76 -4.09 -2.92
C GLY B 130 -25.13 -2.68 -2.54
N HIS B 131 -26.34 -2.52 -2.02
CA HIS B 131 -26.80 -1.23 -1.57
C HIS B 131 -26.17 -0.90 -0.22
N ASP B 132 -26.12 0.39 0.09
CA ASP B 132 -25.72 0.85 1.43
C ASP B 132 -24.33 0.42 1.87
N CYS B 133 -23.42 0.27 0.91
CA CYS B 133 -22.03 -0.04 1.27
C CYS B 133 -21.20 1.22 1.52
N MET B 134 -20.17 1.07 2.33
CA MET B 134 -19.19 2.13 2.56
C MET B 134 -17.84 1.60 2.11
N ILE B 135 -17.41 2.05 0.93
CA ILE B 135 -16.13 1.65 0.37
C ILE B 135 -15.13 2.79 0.55
N ALA B 136 -14.07 2.56 1.32
CA ALA B 136 -13.11 3.60 1.62
C ALA B 136 -12.19 3.86 0.42
N ARG B 137 -11.19 4.72 0.61
CA ARG B 137 -10.28 5.07 -0.46
C ARG B 137 -9.36 3.91 -0.80
N ASP B 138 -8.88 3.90 -2.04
CA ASP B 138 -7.89 2.93 -2.51
C ASP B 138 -8.35 1.49 -2.34
N VAL B 139 -9.58 1.21 -2.78
CA VAL B 139 -10.08 -0.15 -2.79
C VAL B 139 -10.07 -0.69 -4.21
N ILE B 140 -9.42 -1.85 -4.37
CA ILE B 140 -9.32 -2.51 -5.68
C ILE B 140 -10.12 -3.80 -5.68
N LEU B 141 -11.04 -3.93 -6.63
CA LEU B 141 -11.75 -5.18 -6.83
C LEU B 141 -11.18 -5.86 -8.08
N ARG B 142 -10.34 -6.88 -7.87
CA ARG B 142 -9.57 -7.46 -8.98
C ARG B 142 -10.08 -8.86 -9.33
N ALA B 143 -11.04 -8.92 -10.26
CA ALA B 143 -11.69 -10.18 -10.60
C ALA B 143 -10.93 -10.99 -11.65
N SER B 144 -9.90 -10.37 -12.22
CA SER B 144 -9.04 -11.03 -13.20
C SER B 144 -7.57 -10.83 -12.83
N ASP B 145 -6.75 -11.87 -13.02
CA ASP B 145 -5.32 -11.82 -12.69
C ASP B 145 -4.51 -11.06 -13.73
N GLY B 146 -5.03 -10.94 -14.94
CA GLY B 146 -4.34 -10.19 -15.98
C GLY B 146 -3.49 -11.02 -16.92
N HIS B 147 -2.93 -12.11 -16.41
CA HIS B 147 -2.08 -13.01 -17.18
C HIS B 147 -2.37 -14.45 -16.77
N PRO B 148 -2.29 -15.41 -17.69
CA PRO B 148 -2.66 -16.80 -17.42
C PRO B 148 -1.64 -17.56 -16.58
N ILE B 149 -2.14 -18.40 -15.68
CA ILE B 149 -1.32 -19.36 -14.94
C ILE B 149 -1.85 -20.76 -15.25
N PHE B 150 -0.92 -21.71 -15.47
CA PHE B 150 -1.28 -23.06 -15.90
C PHE B 150 -0.75 -24.13 -14.94
N ASP B 151 -1.48 -25.24 -14.86
CA ASP B 151 -0.97 -26.44 -14.20
C ASP B 151 0.07 -27.10 -15.13
N ILE B 152 1.26 -27.41 -14.61
CA ILE B 152 2.34 -27.88 -15.48
C ILE B 152 2.08 -29.29 -15.99
N HIS B 153 1.17 -30.00 -15.33
CA HIS B 153 0.89 -31.39 -15.70
C HIS B 153 -0.31 -31.54 -16.62
N SER B 154 -1.38 -30.79 -16.37
CA SER B 154 -2.52 -30.77 -17.28
C SER B 154 -2.27 -29.80 -18.43
N LYS B 155 -1.40 -28.83 -18.19
CA LYS B 155 -1.07 -27.80 -19.19
C LYS B 155 -2.23 -26.83 -19.45
N LYS B 156 -3.29 -26.95 -18.66
CA LYS B 156 -4.45 -26.10 -18.78
C LYS B 156 -4.41 -24.89 -17.84
N ARG B 157 -5.08 -23.82 -18.23
CA ARG B 157 -5.13 -22.62 -17.39
C ARG B 157 -5.94 -22.86 -16.11
N ILE B 158 -5.44 -22.37 -14.99
CA ILE B 158 -6.09 -22.58 -13.71
C ILE B 158 -6.42 -21.31 -12.92
N ASN B 159 -6.25 -20.14 -13.53
CA ASN B 159 -6.59 -18.90 -12.86
C ASN B 159 -7.57 -18.07 -13.67
N TRP B 160 -8.61 -18.73 -14.19
CA TRP B 160 -9.67 -18.03 -14.90
C TRP B 160 -10.30 -16.96 -13.98
N ALA B 161 -10.73 -15.86 -14.58
CA ALA B 161 -11.42 -14.81 -13.82
C ALA B 161 -12.64 -15.38 -13.13
N LYS B 162 -12.96 -14.83 -11.96
CA LYS B 162 -14.11 -15.27 -11.16
C LYS B 162 -14.79 -14.06 -10.51
N ASP B 163 -16.12 -14.11 -10.43
CA ASP B 163 -16.91 -12.98 -9.94
C ASP B 163 -16.55 -12.51 -8.53
N ILE B 164 -16.67 -11.21 -8.29
CA ILE B 164 -16.59 -10.67 -6.95
C ILE B 164 -17.96 -10.13 -6.57
N ILE B 165 -18.44 -10.51 -5.40
CA ILE B 165 -19.78 -10.12 -4.96
C ILE B 165 -19.73 -9.53 -3.57
N ILE B 166 -19.87 -8.22 -3.48
CA ILE B 166 -19.97 -7.54 -2.19
CA ILE B 166 -19.96 -7.56 -2.18
C ILE B 166 -21.44 -7.34 -1.86
N SER B 167 -21.90 -7.99 -0.79
CA SER B 167 -23.31 -7.89 -0.41
C SER B 167 -23.68 -6.48 0.03
N SER B 168 -24.97 -6.24 0.23
CA SER B 168 -25.43 -4.97 0.76
C SER B 168 -24.88 -4.76 2.17
N TYR B 169 -24.65 -3.49 2.49
CA TYR B 169 -24.26 -3.08 3.84
C TYR B 169 -22.93 -3.70 4.29
N VAL B 170 -21.93 -3.54 3.44
CA VAL B 170 -20.56 -3.93 3.76
C VAL B 170 -19.66 -2.71 3.86
N TRP B 171 -18.77 -2.71 4.85
CA TRP B 171 -17.78 -1.66 5.01
C TRP B 171 -16.43 -2.21 4.55
N VAL B 172 -15.93 -1.71 3.42
CA VAL B 172 -14.60 -2.10 2.97
C VAL B 172 -13.63 -0.97 3.33
N GLY B 173 -12.64 -1.30 4.13
CA GLY B 173 -11.67 -0.35 4.62
C GLY B 173 -10.68 0.15 3.59
N ARG B 174 -9.90 1.14 4.00
CA ARG B 174 -8.93 1.78 3.12
C ARG B 174 -7.78 0.86 2.73
N ASN B 175 -7.31 1.00 1.50
CA ASN B 175 -6.16 0.29 1.05
C ASN B 175 -6.34 -1.23 1.09
N VAL B 176 -7.40 -1.66 0.42
CA VAL B 176 -7.79 -3.07 0.43
C VAL B 176 -7.88 -3.56 -1.00
N SER B 177 -7.44 -4.79 -1.24
CA SER B 177 -7.74 -5.47 -2.50
C SER B 177 -8.64 -6.66 -2.19
N ILE B 178 -9.68 -6.80 -2.99
CA ILE B 178 -10.48 -8.01 -2.98
C ILE B 178 -10.20 -8.75 -4.26
N MET B 179 -9.75 -10.00 -4.13
CA MET B 179 -9.32 -10.80 -5.29
C MET B 179 -10.43 -11.65 -5.90
N LYS B 180 -10.12 -12.37 -6.97
CA LYS B 180 -11.17 -13.02 -7.76
C LYS B 180 -11.93 -14.09 -6.98
N GLY B 181 -13.22 -14.20 -7.27
CA GLY B 181 -14.03 -15.28 -6.73
C GLY B 181 -14.49 -15.06 -5.30
N VAL B 182 -14.25 -13.88 -4.77
CA VAL B 182 -14.58 -13.60 -3.39
C VAL B 182 -15.98 -13.00 -3.22
N SER B 183 -16.73 -13.54 -2.27
CA SER B 183 -17.99 -12.96 -1.82
C SER B 183 -17.79 -12.43 -0.41
N VAL B 184 -18.34 -11.26 -0.12
CA VAL B 184 -18.36 -10.70 1.23
C VAL B 184 -19.79 -10.53 1.70
N GLY B 185 -20.13 -11.21 2.78
CA GLY B 185 -21.50 -11.23 3.28
C GLY B 185 -21.97 -9.92 3.87
N SER B 186 -23.28 -9.77 3.96
CA SER B 186 -23.91 -8.53 4.43
C SER B 186 -23.53 -8.22 5.88
N GLY B 187 -23.30 -6.93 6.17
CA GLY B 187 -22.98 -6.50 7.52
C GLY B 187 -21.53 -6.64 7.91
N SER B 188 -20.74 -7.19 7.01
CA SER B 188 -19.34 -7.48 7.34
C SER B 188 -18.43 -6.28 7.14
N VAL B 189 -17.22 -6.40 7.67
CA VAL B 189 -16.22 -5.33 7.69
C VAL B 189 -14.89 -5.88 7.21
N ILE B 190 -14.28 -5.25 6.21
CA ILE B 190 -12.94 -5.63 5.79
C ILE B 190 -11.95 -4.58 6.30
N GLY B 191 -10.96 -5.01 7.05
CA GLY B 191 -10.04 -4.09 7.71
C GLY B 191 -9.05 -3.43 6.78
N TYR B 192 -8.62 -2.22 7.16
CA TYR B 192 -7.56 -1.50 6.47
C TYR B 192 -6.45 -2.44 6.05
N GLY B 193 -5.97 -2.29 4.82
CA GLY B 193 -4.74 -2.96 4.39
C GLY B 193 -4.92 -4.42 3.98
N SER B 194 -6.15 -4.91 4.04
CA SER B 194 -6.37 -6.33 3.75
C SER B 194 -6.15 -6.69 2.29
N ILE B 195 -5.74 -7.94 2.04
CA ILE B 195 -5.94 -8.55 0.73
C ILE B 195 -6.78 -9.79 0.96
N VAL B 196 -8.01 -9.74 0.45
CA VAL B 196 -9.00 -10.77 0.69
C VAL B 196 -9.01 -11.76 -0.47
N THR B 197 -8.73 -13.02 -0.18
CA THR B 197 -8.61 -14.04 -1.22
C THR B 197 -9.64 -15.15 -1.10
N LYS B 198 -10.37 -15.11 -0.03
CA LYS B 198 -11.36 -16.14 0.20
C LYS B 198 -12.67 -15.54 0.74
N ASP B 199 -13.81 -16.18 0.57
CA ASP B 199 -15.11 -15.63 1.01
C ASP B 199 -15.07 -15.17 2.46
N VAL B 200 -15.77 -14.07 2.74
CA VAL B 200 -16.00 -13.61 4.10
C VAL B 200 -17.50 -13.72 4.38
N PRO B 201 -17.89 -14.52 5.38
CA PRO B 201 -19.33 -14.67 5.61
C PRO B 201 -19.98 -13.40 6.18
N SER B 202 -21.30 -13.42 6.26
CA SER B 202 -22.07 -12.29 6.78
C SER B 202 -21.74 -11.97 8.24
N MET B 203 -21.76 -10.69 8.59
CA MET B 203 -21.58 -10.25 9.97
C MET B 203 -20.25 -10.69 10.59
N CYS B 204 -19.17 -10.59 9.81
CA CYS B 204 -17.82 -10.89 10.28
C CYS B 204 -16.89 -9.74 9.96
N ALA B 205 -15.84 -9.59 10.77
CA ALA B 205 -14.75 -8.69 10.44
C ALA B 205 -13.55 -9.53 10.01
N ALA B 206 -12.93 -9.16 8.89
CA ALA B 206 -11.76 -9.85 8.39
C ALA B 206 -10.64 -8.84 8.14
N ALA B 207 -9.40 -9.28 8.31
CA ALA B 207 -8.24 -8.44 8.05
C ALA B 207 -6.99 -9.29 7.84
N GLY B 208 -5.97 -8.69 7.21
CA GLY B 208 -4.71 -9.37 6.98
C GLY B 208 -4.36 -9.52 5.51
N ASN B 209 -3.15 -10.00 5.26
CA ASN B 209 -2.71 -10.33 3.91
C ASN B 209 -1.95 -11.65 3.96
N PRO B 210 -2.64 -12.77 3.67
CA PRO B 210 -4.06 -12.80 3.26
C PRO B 210 -5.01 -12.60 4.43
N ALA B 211 -6.20 -12.10 4.14
CA ALA B 211 -7.16 -11.79 5.19
C ALA B 211 -7.69 -13.05 5.85
N LYS B 212 -7.95 -12.95 7.16
CA LYS B 212 -8.58 -14.03 7.91
C LYS B 212 -9.70 -13.40 8.71
N ILE B 213 -10.68 -14.21 9.08
CA ILE B 213 -11.69 -13.74 10.01
C ILE B 213 -11.12 -13.42 11.38
N ILE B 214 -11.34 -12.22 11.85
CA ILE B 214 -10.80 -11.82 13.15
C ILE B 214 -11.88 -11.63 14.21
N LYS B 215 -13.13 -11.53 13.78
CA LYS B 215 -14.25 -11.40 14.70
C LYS B 215 -15.54 -11.85 14.03
N ARG B 216 -16.36 -12.58 14.76
CA ARG B 216 -17.63 -13.03 14.24
C ARG B 216 -18.76 -12.35 15.01
N ASN B 217 -19.96 -12.42 14.48
CA ASN B 217 -21.13 -11.87 15.16
C ASN B 217 -21.05 -10.36 15.34
N ILE B 218 -20.64 -9.65 14.29
CA ILE B 218 -20.56 -8.20 14.35
C ILE B 218 -21.33 -7.52 13.24
N ILE B 219 -21.55 -6.21 13.41
CA ILE B 219 -22.15 -5.36 12.39
C ILE B 219 -21.64 -3.94 12.64
N TRP B 220 -21.58 -3.13 11.59
CA TRP B 220 -21.01 -1.78 11.67
C TRP B 220 -22.08 -0.72 11.43
N ALA B 221 -21.75 0.54 11.74
CA ALA B 221 -22.61 1.66 11.38
C ALA B 221 -21.77 2.84 10.93
N ARG B 222 -22.38 3.75 10.19
CA ARG B 222 -21.67 4.89 9.63
C ARG B 222 -21.43 5.98 10.68
N THR B 223 -22.44 6.27 11.50
CA THR B 223 -22.35 7.33 12.51
C THR B 223 -21.36 7.00 13.63
N ASP B 224 -20.45 7.93 13.91
CA ASP B 224 -19.50 7.73 14.99
C ASP B 224 -20.16 7.97 16.35
N LYS B 225 -21.39 8.49 16.31
CA LYS B 225 -22.12 8.83 17.54
C LYS B 225 -22.80 7.61 18.15
N ALA B 226 -23.09 6.61 17.33
CA ALA B 226 -23.84 5.43 17.77
C ALA B 226 -23.06 4.58 18.77
N GLU B 227 -23.66 4.34 19.94
CA GLU B 227 -23.07 3.46 20.94
C GLU B 227 -23.84 2.14 21.01
N LEU B 228 -25.06 2.15 20.50
CA LEU B 228 -25.87 0.94 20.40
C LEU B 228 -26.34 0.80 18.96
N ILE B 229 -26.60 -0.44 18.54
CA ILE B 229 -27.16 -0.67 17.22
C ILE B 229 -28.39 0.20 16.97
N SER B 230 -29.24 0.35 17.98
CA SER B 230 -30.49 1.08 17.83
C SER B 230 -30.30 2.58 17.60
N ASP B 231 -29.08 3.07 17.80
CA ASP B 231 -28.78 4.49 17.61
C ASP B 231 -28.70 4.88 16.13
N ASP B 232 -28.58 3.89 15.26
CA ASP B 232 -28.46 4.16 13.82
C ASP B 232 -29.55 3.43 13.03
N LYS B 233 -30.31 4.19 12.26
CA LYS B 233 -31.45 3.62 11.51
C LYS B 233 -31.06 2.47 10.59
N ARG B 234 -30.08 2.69 9.72
CA ARG B 234 -29.67 1.68 8.73
C ARG B 234 -29.09 0.44 9.37
N CYS B 235 -28.24 0.64 10.37
CA CYS B 235 -27.68 -0.46 11.14
C CYS B 235 -28.79 -1.31 11.76
N SER B 236 -29.73 -0.64 12.41
CA SER B 236 -30.86 -1.33 13.05
C SER B 236 -31.64 -2.12 12.01
N SER B 237 -31.88 -1.51 10.86
CA SER B 237 -32.66 -2.16 9.80
C SER B 237 -31.98 -3.43 9.32
N TYR B 238 -30.70 -3.34 8.97
CA TYR B 238 -29.97 -4.52 8.51
C TYR B 238 -29.80 -5.55 9.62
N HIS B 239 -29.59 -5.10 10.85
CA HIS B 239 -29.49 -5.98 11.99
C HIS B 239 -30.75 -6.84 12.11
N ALA B 240 -31.91 -6.21 12.02
CA ALA B 240 -33.17 -6.93 12.14
C ALA B 240 -33.34 -7.93 10.99
N LYS B 241 -33.01 -7.48 9.78
CA LYS B 241 -33.09 -8.34 8.62
C LYS B 241 -32.20 -9.59 8.73
N LEU B 242 -30.97 -9.40 9.19
CA LEU B 242 -29.98 -10.48 9.19
C LEU B 242 -30.03 -11.42 10.40
N THR B 243 -30.60 -10.95 11.52
CA THR B 243 -30.57 -11.73 12.76
C THR B 243 -31.94 -12.17 13.27
N GLN B 244 -33.00 -11.54 12.78
CA GLN B 244 -34.34 -11.82 13.29
C GLN B 244 -35.26 -12.36 12.20
N LEU B 245 -35.32 -11.66 11.08
CA LEU B 245 -36.15 -12.10 9.95
C LEU B 245 -35.48 -13.28 9.25
N GLU B 246 -34.16 -13.37 9.36
CA GLU B 246 -33.40 -14.50 8.83
C GLU B 246 -32.51 -15.04 9.93
N HIS B 247 -31.96 -16.23 9.72
CA HIS B 247 -31.00 -16.80 10.67
C HIS B 247 -29.73 -17.24 9.97
N HIS B 248 -28.61 -16.66 10.39
CA HIS B 248 -27.31 -17.04 9.83
C HIS B 248 -26.47 -17.75 10.88
N HIS B 249 -25.88 -18.87 10.50
CA HIS B 249 -24.88 -19.55 11.33
C HIS B 249 -23.87 -20.23 10.42
N HIS B 250 -22.61 -19.84 10.54
CA HIS B 250 -21.59 -20.29 9.62
C HIS B 250 -20.77 -21.45 10.18
N HIS B 251 -20.09 -22.17 9.29
CA HIS B 251 -19.14 -23.20 9.71
C HIS B 251 -18.13 -22.60 10.68
N GLN C 28 24.32 7.42 -25.81
CA GLN C 28 24.05 7.98 -24.49
C GLN C 28 23.19 9.25 -24.58
N ASP C 29 22.54 9.44 -25.72
CA ASP C 29 21.73 10.63 -25.96
C ASP C 29 20.61 10.80 -24.93
N SER C 30 19.97 9.70 -24.55
CA SER C 30 18.85 9.73 -23.63
C SER C 30 19.31 9.74 -22.18
N PHE C 31 20.63 9.77 -21.98
CA PHE C 31 21.20 9.74 -20.64
C PHE C 31 21.89 11.05 -20.30
N SER C 32 21.63 11.55 -19.10
CA SER C 32 22.48 12.59 -18.52
C SER C 32 23.41 11.94 -17.50
N VAL C 33 24.72 12.15 -17.65
CA VAL C 33 25.69 11.49 -16.79
C VAL C 33 26.42 12.49 -15.89
N ASP C 34 26.38 12.25 -14.59
CA ASP C 34 27.12 13.08 -13.63
C ASP C 34 28.24 12.25 -13.03
N ASP C 35 29.47 12.47 -13.50
CA ASP C 35 30.60 11.67 -13.06
C ASP C 35 31.40 12.36 -11.97
N ASN C 36 31.32 11.81 -10.76
CA ASN C 36 31.94 12.43 -9.59
C ASN C 36 33.09 11.61 -9.00
N GLY C 37 33.82 10.91 -9.87
CA GLY C 37 34.94 10.11 -9.43
C GLY C 37 35.86 9.74 -10.57
N SER C 38 36.85 8.90 -10.29
CA SER C 38 37.82 8.50 -11.29
C SER C 38 37.56 7.07 -11.76
N GLY C 39 37.96 6.78 -12.99
CA GLY C 39 37.92 5.42 -13.50
C GLY C 39 36.53 4.83 -13.73
N ASN C 40 35.52 5.69 -13.76
CA ASN C 40 34.15 5.25 -14.05
C ASN C 40 33.91 5.05 -15.54
N VAL C 41 33.26 3.94 -15.89
CA VAL C 41 33.01 3.61 -17.29
C VAL C 41 31.51 3.40 -17.56
N PHE C 42 31.03 3.99 -18.65
CA PHE C 42 29.65 3.78 -19.10
C PHE C 42 29.70 3.36 -20.56
N VAL C 43 29.39 2.10 -20.80
CA VAL C 43 29.30 1.53 -22.14
C VAL C 43 27.84 1.34 -22.48
N CYS C 44 27.39 1.93 -23.58
CA CYS C 44 25.98 1.93 -23.91
C CYS C 44 25.78 1.55 -25.37
N GLY C 45 24.96 0.53 -25.61
CA GLY C 45 24.71 0.08 -26.96
C GLY C 45 23.66 0.94 -27.62
N ASP C 46 23.13 0.47 -28.75
CA ASP C 46 22.11 1.21 -29.47
C ASP C 46 20.74 0.98 -28.85
N LEU C 47 20.32 1.94 -28.04
CA LEU C 47 19.07 1.81 -27.29
C LEU C 47 17.86 2.01 -28.20
N VAL C 48 16.70 1.57 -27.73
CA VAL C 48 15.48 1.75 -28.48
C VAL C 48 14.46 2.48 -27.62
N ASN C 49 13.79 3.46 -28.21
CA ASN C 49 12.69 4.16 -27.54
C ASN C 49 13.04 4.64 -26.13
N SER C 50 14.26 5.15 -25.94
CA SER C 50 14.73 5.51 -24.60
C SER C 50 14.75 7.01 -24.36
N LYS C 51 14.50 7.41 -23.11
CA LYS C 51 14.39 8.83 -22.79
C LYS C 51 14.48 9.09 -21.30
N GLU C 52 14.93 10.31 -20.98
CA GLU C 52 14.94 10.82 -19.60
C GLU C 52 15.65 9.92 -18.59
N ASN C 53 16.83 9.44 -18.95
CA ASN C 53 17.60 8.59 -18.05
C ASN C 53 18.74 9.35 -17.38
N LYS C 54 19.15 8.91 -16.20
CA LYS C 54 20.19 9.60 -15.45
C LYS C 54 21.13 8.61 -14.80
N VAL C 55 22.40 8.96 -14.74
CA VAL C 55 23.37 8.17 -14.01
CA VAL C 55 23.39 8.17 -14.04
C VAL C 55 24.22 9.09 -13.16
N GLN C 56 24.48 8.68 -11.92
CA GLN C 56 25.42 9.40 -11.07
C GLN C 56 26.51 8.44 -10.64
N PHE C 57 27.76 8.81 -10.90
CA PHE C 57 28.91 8.04 -10.45
C PHE C 57 29.45 8.70 -9.22
N ASN C 58 28.95 8.33 -8.05
CA ASN C 58 29.42 8.91 -6.80
C ASN C 58 30.45 8.04 -6.10
N GLY C 59 31.59 7.87 -6.77
CA GLY C 59 32.64 6.97 -6.33
C GLY C 59 33.56 6.71 -7.50
N ASN C 60 34.47 5.74 -7.34
CA ASN C 60 35.47 5.46 -8.36
C ASN C 60 35.38 4.04 -8.89
N ASN C 61 35.90 3.83 -10.09
CA ASN C 61 36.01 2.50 -10.65
C ASN C 61 34.68 1.76 -10.73
N ASN C 62 33.64 2.48 -11.13
CA ASN C 62 32.33 1.90 -11.34
C ASN C 62 32.10 1.59 -12.83
N LYS C 63 31.27 0.59 -13.12
CA LYS C 63 30.94 0.26 -14.50
C LYS C 63 29.44 0.18 -14.67
N LEU C 64 28.92 0.87 -15.68
CA LEU C 64 27.56 0.66 -16.13
C LEU C 64 27.60 0.15 -17.56
N ILE C 65 26.99 -0.99 -17.82
CA ILE C 65 26.92 -1.52 -19.19
C ILE C 65 25.47 -1.77 -19.57
N ILE C 66 25.04 -1.19 -20.69
CA ILE C 66 23.69 -1.42 -21.21
C ILE C 66 23.81 -1.92 -22.64
N GLU C 67 23.23 -3.08 -22.90
CA GLU C 67 23.41 -3.72 -24.21
C GLU C 67 22.46 -3.15 -25.27
N ASP C 68 22.59 -3.67 -26.50
CA ASP C 68 21.79 -3.19 -27.63
C ASP C 68 20.29 -3.45 -27.44
N ASP C 69 19.49 -2.54 -27.98
CA ASP C 69 18.06 -2.73 -28.07
C ASP C 69 17.38 -2.83 -26.70
N VAL C 70 18.00 -2.22 -25.70
CA VAL C 70 17.35 -2.07 -24.41
C VAL C 70 16.55 -0.77 -24.43
N GLU C 71 15.35 -0.81 -23.86
CA GLU C 71 14.53 0.40 -23.72
C GLU C 71 14.62 0.92 -22.28
N CYS C 72 15.26 2.07 -22.11
CA CYS C 72 15.37 2.71 -20.79
C CYS C 72 14.55 3.97 -20.80
N ARG C 73 13.56 4.06 -19.91
CA ARG C 73 12.73 5.26 -19.82
C ARG C 73 12.59 5.69 -18.36
N TRP C 74 13.03 6.91 -18.07
CA TRP C 74 13.09 7.40 -16.69
C TRP C 74 13.80 6.41 -15.78
N LEU C 75 14.90 5.86 -16.28
CA LEU C 75 15.76 5.03 -15.46
C LEU C 75 16.77 5.93 -14.76
N THR C 76 16.97 5.70 -13.47
CA THR C 76 18.03 6.39 -12.76
C THR C 76 18.96 5.33 -12.16
N VAL C 77 20.25 5.43 -12.44
CA VAL C 77 21.22 4.51 -11.85
C VAL C 77 22.22 5.31 -11.03
N ILE C 78 22.29 5.01 -9.74
N ILE C 78 22.28 5.01 -9.74
CA ILE C 78 23.19 5.72 -8.84
CA ILE C 78 23.17 5.71 -8.82
C ILE C 78 24.25 4.79 -8.26
C ILE C 78 24.25 4.76 -8.31
N PHE C 79 25.51 5.17 -8.46
CA PHE C 79 26.63 4.40 -7.92
C PHE C 79 27.16 5.12 -6.70
N ARG C 80 27.16 4.45 -5.56
CA ARG C 80 27.72 5.04 -4.34
C ARG C 80 28.96 4.28 -3.90
N GLY C 81 30.07 4.99 -3.81
CA GLY C 81 31.32 4.34 -3.47
C GLY C 81 31.93 3.68 -4.68
N ASP C 82 32.78 2.69 -4.43
CA ASP C 82 33.68 2.18 -5.47
C ASP C 82 33.40 0.75 -5.91
N ASN C 83 33.86 0.43 -7.12
CA ASN C 83 33.84 -0.94 -7.64
C ASN C 83 32.45 -1.57 -7.77
N ASN C 84 31.47 -0.74 -8.10
CA ASN C 84 30.12 -1.23 -8.37
C ASN C 84 29.98 -1.63 -9.84
N TYR C 85 29.06 -2.55 -10.11
CA TYR C 85 28.87 -3.02 -11.47
C TYR C 85 27.37 -3.18 -11.75
N VAL C 86 26.89 -2.54 -12.82
CA VAL C 86 25.50 -2.70 -13.24
C VAL C 86 25.49 -3.02 -14.72
N ARG C 87 24.83 -4.13 -15.07
CA ARG C 87 24.71 -4.53 -16.46
C ARG C 87 23.27 -4.86 -16.79
N ILE C 88 22.79 -4.26 -17.86
CA ILE C 88 21.45 -4.54 -18.34
C ILE C 88 21.56 -5.18 -19.72
N HIS C 89 21.11 -6.42 -19.83
CA HIS C 89 21.29 -7.21 -21.04
C HIS C 89 20.28 -6.88 -22.14
N LYS C 90 20.59 -7.33 -23.35
CA LYS C 90 19.87 -6.90 -24.54
C LYS C 90 18.37 -7.17 -24.55
N ASN C 91 17.64 -6.30 -25.24
CA ASN C 91 16.21 -6.51 -25.50
C ASN C 91 15.30 -6.42 -24.28
N SER C 92 15.82 -5.86 -23.20
CA SER C 92 14.99 -5.68 -22.01
CA SER C 92 15.01 -5.68 -22.00
C SER C 92 14.41 -4.28 -22.00
N LYS C 93 13.43 -4.06 -21.12
CA LYS C 93 12.78 -2.76 -20.98
C LYS C 93 12.80 -2.42 -19.51
N ILE C 94 13.28 -1.23 -19.17
CA ILE C 94 13.46 -0.91 -17.77
C ILE C 94 13.11 0.53 -17.44
N LYS C 95 12.59 0.70 -16.23
CA LYS C 95 12.24 2.01 -15.67
C LYS C 95 12.65 1.95 -14.20
N GLY C 96 12.69 3.10 -13.53
CA GLY C 96 12.87 3.10 -12.09
C GLY C 96 14.26 3.50 -11.61
N ASP C 97 14.64 2.99 -10.45
CA ASP C 97 15.84 3.44 -9.77
C ASP C 97 16.69 2.27 -9.29
N ILE C 98 17.94 2.26 -9.70
CA ILE C 98 18.89 1.25 -9.27
C ILE C 98 20.00 1.93 -8.51
N VAL C 99 20.22 1.53 -7.26
CA VAL C 99 21.32 2.08 -6.50
C VAL C 99 22.31 0.97 -6.14
N ALA C 100 23.52 1.07 -6.69
CA ALA C 100 24.58 0.11 -6.45
C ALA C 100 25.55 0.74 -5.47
N THR C 101 25.68 0.12 -4.30
CA THR C 101 26.39 0.72 -3.18
C THR C 101 27.54 -0.13 -2.65
N LYS C 102 28.70 0.52 -2.46
CA LYS C 102 29.85 -0.09 -1.80
C LYS C 102 30.30 -1.44 -2.36
N GLY C 103 30.43 -1.52 -3.68
CA GLY C 103 30.93 -2.71 -4.32
C GLY C 103 29.85 -3.75 -4.57
N SER C 104 28.71 -3.28 -5.06
CA SER C 104 27.60 -4.18 -5.38
C SER C 104 27.50 -4.46 -6.88
N LYS C 105 26.84 -5.56 -7.22
CA LYS C 105 26.62 -5.90 -8.62
C LYS C 105 25.12 -6.10 -8.87
N VAL C 106 24.59 -5.41 -9.88
CA VAL C 106 23.18 -5.53 -10.24
C VAL C 106 23.13 -5.93 -11.70
N ILE C 107 22.50 -7.08 -11.96
CA ILE C 107 22.42 -7.65 -13.31
C ILE C 107 20.96 -7.90 -13.67
N ILE C 108 20.55 -7.39 -14.83
CA ILE C 108 19.21 -7.63 -15.37
C ILE C 108 19.34 -8.39 -16.69
N GLY C 109 18.67 -9.54 -16.79
CA GLY C 109 18.82 -10.43 -17.93
C GLY C 109 18.12 -9.95 -19.20
N ARG C 110 18.23 -10.75 -20.25
CA ARG C 110 17.70 -10.43 -21.57
C ARG C 110 16.18 -10.60 -21.66
N ARG C 111 15.56 -9.74 -22.47
CA ARG C 111 14.13 -9.82 -22.74
C ARG C 111 13.26 -9.72 -21.49
N THR C 112 13.79 -9.07 -20.46
CA THR C 112 13.04 -8.88 -19.22
C THR C 112 12.38 -7.50 -19.24
N THR C 113 11.14 -7.41 -18.74
CA THR C 113 10.42 -6.13 -18.73
C THR C 113 10.18 -5.70 -17.30
N ILE C 114 10.40 -4.42 -17.01
CA ILE C 114 10.30 -3.92 -15.64
C ILE C 114 9.47 -2.64 -15.63
N GLY C 115 8.46 -2.60 -14.78
CA GLY C 115 7.51 -1.50 -14.77
C GLY C 115 7.96 -0.33 -13.94
N ALA C 116 7.28 0.80 -14.14
CA ALA C 116 7.54 2.01 -13.38
C ALA C 116 7.50 1.72 -11.88
N GLY C 117 8.30 2.44 -11.11
CA GLY C 117 8.31 2.32 -9.66
C GLY C 117 9.31 1.29 -9.15
N PHE C 118 10.05 0.69 -10.08
CA PHE C 118 11.09 -0.29 -9.72
C PHE C 118 12.17 0.36 -8.84
N GLU C 119 12.61 -0.36 -7.81
CA GLU C 119 13.69 0.12 -6.98
C GLU C 119 14.60 -1.02 -6.56
N VAL C 120 15.90 -0.81 -6.64
CA VAL C 120 16.89 -1.76 -6.16
C VAL C 120 17.75 -1.10 -5.10
N VAL C 121 17.84 -1.74 -3.94
CA VAL C 121 18.63 -1.23 -2.82
C VAL C 121 19.73 -2.23 -2.50
N THR C 122 21.06 -1.81 -2.38
CA THR C 122 22.17 -2.72 -2.15
C THR C 122 23.16 -2.19 -1.11
N ASP C 123 23.98 -3.04 -0.69
CA ASP C 123 25.12 -2.65 0.15
C ASP C 123 26.13 -3.79 0.12
N LYS C 124 27.17 -3.63 -0.70
CA LYS C 124 28.17 -4.67 -0.88
C LYS C 124 27.55 -6.04 -1.11
N CYS C 125 26.56 -6.11 -2.00
CA CYS C 125 25.92 -7.37 -2.31
C CYS C 125 25.43 -7.39 -3.75
N ASN C 126 24.76 -8.48 -4.11
CA ASN C 126 24.35 -8.71 -5.49
C ASN C 126 22.85 -8.82 -5.64
N VAL C 127 22.31 -8.18 -6.67
CA VAL C 127 20.91 -8.37 -7.03
C VAL C 127 20.86 -8.74 -8.49
N THR C 128 20.21 -9.84 -8.80
CA THR C 128 20.15 -10.34 -10.17
C THR C 128 18.71 -10.63 -10.55
N ILE C 129 18.33 -10.23 -11.77
CA ILE C 129 17.08 -10.69 -12.36
C ILE C 129 17.45 -11.44 -13.63
N GLY C 130 16.88 -12.61 -13.82
CA GLY C 130 17.21 -13.45 -14.96
C GLY C 130 16.54 -12.99 -16.24
N HIS C 131 16.54 -13.87 -17.23
CA HIS C 131 15.99 -13.55 -18.54
C HIS C 131 14.50 -13.77 -18.62
N ASP C 132 13.85 -13.08 -19.55
CA ASP C 132 12.44 -13.32 -19.85
C ASP C 132 11.51 -13.12 -18.65
N CYS C 133 11.88 -12.25 -17.72
CA CYS C 133 11.03 -11.99 -16.58
C CYS C 133 10.01 -10.93 -16.89
N MET C 134 8.91 -10.95 -16.15
CA MET C 134 7.89 -9.91 -16.20
C MET C 134 7.76 -9.32 -14.80
N ILE C 135 8.34 -8.13 -14.62
CA ILE C 135 8.32 -7.42 -13.34
C ILE C 135 7.32 -6.26 -13.43
N ALA C 136 6.25 -6.34 -12.64
CA ALA C 136 5.18 -5.35 -12.71
C ALA C 136 5.61 -4.02 -12.09
N ARG C 137 4.66 -3.09 -12.00
CA ARG C 137 4.95 -1.78 -11.41
C ARG C 137 5.20 -1.89 -9.91
N ASP C 138 5.98 -0.97 -9.38
CA ASP C 138 6.19 -0.85 -7.94
C ASP C 138 6.75 -2.11 -7.30
N VAL C 139 7.81 -2.62 -7.89
CA VAL C 139 8.52 -3.77 -7.33
C VAL C 139 9.84 -3.27 -6.72
N ILE C 140 10.05 -3.57 -5.45
CA ILE C 140 11.27 -3.20 -4.73
C ILE C 140 12.10 -4.42 -4.39
N LEU C 141 13.36 -4.42 -4.82
CA LEU C 141 14.30 -5.49 -4.44
C LEU C 141 15.23 -4.91 -3.38
N ARG C 142 14.96 -5.23 -2.12
CA ARG C 142 15.65 -4.58 -1.01
C ARG C 142 16.65 -5.52 -0.35
N ALA C 143 17.89 -5.50 -0.84
CA ALA C 143 18.89 -6.45 -0.37
C ALA C 143 19.60 -5.94 0.88
N SER C 144 19.39 -4.67 1.19
CA SER C 144 19.96 -4.05 2.39
C SER C 144 18.88 -3.38 3.22
N ASP C 145 18.97 -3.52 4.55
CA ASP C 145 17.97 -2.96 5.47
C ASP C 145 18.09 -1.45 5.67
N GLY C 146 19.27 -0.90 5.41
CA GLY C 146 19.45 0.54 5.53
C GLY C 146 19.98 1.03 6.87
N HIS C 147 19.73 0.24 7.90
CA HIS C 147 20.21 0.56 9.25
C HIS C 147 20.53 -0.74 9.94
N PRO C 148 21.56 -0.76 10.81
CA PRO C 148 22.02 -2.00 11.44
C PRO C 148 21.14 -2.45 12.61
N ILE C 149 21.05 -3.76 12.76
CA ILE C 149 20.39 -4.38 13.90
C ILE C 149 21.38 -5.35 14.52
N PHE C 150 21.45 -5.35 15.84
CA PHE C 150 22.45 -6.12 16.58
C PHE C 150 21.83 -7.11 17.56
N ASP C 151 22.54 -8.21 17.82
CA ASP C 151 22.15 -9.09 18.92
C ASP C 151 22.61 -8.43 20.21
N ILE C 152 21.72 -8.34 21.20
CA ILE C 152 22.05 -7.57 22.41
C ILE C 152 23.07 -8.26 23.29
N HIS C 153 23.31 -9.54 23.04
CA HIS C 153 24.21 -10.32 23.88
C HIS C 153 25.61 -10.42 23.26
N SER C 154 25.67 -10.62 21.95
CA SER C 154 26.95 -10.67 21.25
C SER C 154 27.40 -9.26 20.88
N LYS C 155 26.44 -8.35 20.78
CA LYS C 155 26.70 -6.96 20.39
C LYS C 155 27.07 -6.81 18.92
N LYS C 156 27.00 -7.91 18.18
CA LYS C 156 27.38 -7.90 16.77
C LYS C 156 26.17 -7.70 15.85
N ARG C 157 26.42 -7.06 14.71
CA ARG C 157 25.38 -6.87 13.72
C ARG C 157 24.86 -8.19 13.15
N ILE C 158 23.55 -8.30 12.96
CA ILE C 158 22.96 -9.55 12.52
C ILE C 158 22.05 -9.37 11.31
N ASN C 159 22.00 -8.18 10.74
CA ASN C 159 21.21 -7.97 9.54
C ASN C 159 22.06 -7.47 8.37
N TRP C 160 23.18 -8.13 8.13
CA TRP C 160 24.02 -7.77 6.99
C TRP C 160 23.23 -7.96 5.69
N ALA C 161 23.59 -7.18 4.68
CA ALA C 161 22.96 -7.31 3.37
C ALA C 161 23.17 -8.72 2.83
N LYS C 162 22.18 -9.23 2.12
CA LYS C 162 22.25 -10.56 1.52
C LYS C 162 21.65 -10.52 0.11
N ASP C 163 22.26 -11.26 -0.81
CA ASP C 163 21.90 -11.24 -2.24
C ASP C 163 20.45 -11.59 -2.53
N ILE C 164 19.93 -11.01 -3.60
CA ILE C 164 18.60 -11.36 -4.11
C ILE C 164 18.77 -11.92 -5.50
N ILE C 165 18.17 -13.09 -5.74
CA ILE C 165 18.24 -13.73 -7.04
C ILE C 165 16.85 -14.03 -7.57
N ILE C 166 16.46 -13.34 -8.63
CA ILE C 166 15.24 -13.71 -9.34
C ILE C 166 15.64 -14.53 -10.56
N SER C 167 15.21 -15.79 -10.62
CA SER C 167 15.59 -16.65 -11.74
C SER C 167 14.93 -16.20 -13.04
N SER C 168 15.31 -16.84 -14.14
CA SER C 168 14.67 -16.57 -15.42
C SER C 168 13.18 -16.94 -15.43
N TYR C 169 12.43 -16.24 -16.26
CA TYR C 169 11.00 -16.49 -16.44
C TYR C 169 10.19 -16.45 -15.15
N VAL C 170 10.35 -15.37 -14.40
CA VAL C 170 9.55 -15.15 -13.20
C VAL C 170 8.62 -13.97 -13.45
N TRP C 171 7.38 -14.08 -12.98
CA TRP C 171 6.44 -12.96 -13.00
C TRP C 171 6.34 -12.42 -11.57
N VAL C 172 6.78 -11.19 -11.35
CA VAL C 172 6.61 -10.56 -10.05
C VAL C 172 5.50 -9.54 -10.16
N GLY C 173 4.46 -9.70 -9.34
CA GLY C 173 3.27 -8.87 -9.38
C GLY C 173 3.47 -7.44 -8.92
N ARG C 174 2.43 -6.62 -9.07
CA ARG C 174 2.51 -5.22 -8.69
C ARG C 174 2.61 -5.02 -7.17
N ASN C 175 3.32 -3.98 -6.77
CA ASN C 175 3.37 -3.58 -5.36
C ASN C 175 3.92 -4.71 -4.49
N VAL C 176 5.10 -5.19 -4.86
CA VAL C 176 5.77 -6.30 -4.19
C VAL C 176 7.13 -5.83 -3.69
N SER C 177 7.52 -6.29 -2.50
CA SER C 177 8.89 -6.16 -2.05
C SER C 177 9.48 -7.54 -1.90
N ILE C 178 10.70 -7.69 -2.40
CA ILE C 178 11.48 -8.90 -2.17
C ILE C 178 12.60 -8.50 -1.24
N MET C 179 12.67 -9.15 -0.07
CA MET C 179 13.65 -8.74 0.92
C MET C 179 14.96 -9.52 0.79
N LYS C 180 15.91 -9.22 1.68
CA LYS C 180 17.27 -9.70 1.51
C LYS C 180 17.42 -11.21 1.60
N GLY C 181 18.36 -11.74 0.82
CA GLY C 181 18.68 -13.15 0.87
C GLY C 181 17.68 -14.08 0.19
N VAL C 182 16.75 -13.52 -0.58
CA VAL C 182 15.70 -14.31 -1.21
C VAL C 182 16.05 -14.73 -2.64
N SER C 183 15.80 -16.00 -2.95
CA SER C 183 15.87 -16.49 -4.32
C SER C 183 14.47 -16.90 -4.77
N VAL C 184 14.12 -16.56 -6.01
CA VAL C 184 12.83 -16.98 -6.57
C VAL C 184 13.10 -17.86 -7.78
N GLY C 185 12.61 -19.09 -7.72
CA GLY C 185 12.89 -20.07 -8.76
C GLY C 185 12.22 -19.79 -10.10
N SER C 186 12.81 -20.33 -11.15
CA SER C 186 12.32 -20.12 -12.51
C SER C 186 10.87 -20.57 -12.71
N GLY C 187 10.11 -19.79 -13.47
CA GLY C 187 8.73 -20.11 -13.80
C GLY C 187 7.73 -19.73 -12.73
N SER C 188 8.22 -19.14 -11.64
CA SER C 188 7.36 -18.84 -10.50
C SER C 188 6.64 -17.49 -10.60
N VAL C 189 5.66 -17.31 -9.72
CA VAL C 189 4.78 -16.15 -9.75
C VAL C 189 4.68 -15.60 -8.33
N ILE C 190 4.99 -14.31 -8.18
CA ILE C 190 4.78 -13.63 -6.89
C ILE C 190 3.53 -12.75 -7.00
N GLY C 191 2.57 -12.97 -6.10
CA GLY C 191 1.29 -12.28 -6.18
C GLY C 191 1.33 -10.82 -5.78
N TYR C 192 0.40 -10.05 -6.34
CA TYR C 192 0.21 -8.64 -5.97
C TYR C 192 0.31 -8.42 -4.46
N GLY C 193 1.04 -7.39 -4.08
CA GLY C 193 1.04 -6.92 -2.70
C GLY C 193 1.88 -7.73 -1.73
N SER C 194 2.64 -8.69 -2.24
CA SER C 194 3.43 -9.58 -1.40
C SER C 194 4.64 -8.91 -0.78
N ILE C 195 5.06 -9.38 0.38
CA ILE C 195 6.40 -9.11 0.88
C ILE C 195 7.07 -10.47 1.03
N VAL C 196 8.08 -10.71 0.20
CA VAL C 196 8.72 -12.03 0.16
C VAL C 196 9.97 -12.02 1.04
N THR C 197 9.98 -12.89 2.05
CA THR C 197 11.07 -12.90 3.02
C THR C 197 11.90 -14.19 2.99
N LYS C 198 11.37 -15.21 2.33
CA LYS C 198 12.04 -16.50 2.20
C LYS C 198 12.04 -16.98 0.75
N ASP C 199 12.97 -17.88 0.43
CA ASP C 199 13.08 -18.44 -0.92
C ASP C 199 11.74 -18.99 -1.41
N VAL C 200 11.49 -18.83 -2.70
CA VAL C 200 10.35 -19.43 -3.36
C VAL C 200 10.89 -20.42 -4.39
N PRO C 201 10.45 -21.68 -4.34
CA PRO C 201 10.95 -22.68 -5.29
C PRO C 201 10.47 -22.44 -6.72
N SER C 202 11.08 -23.17 -7.66
CA SER C 202 10.70 -23.13 -9.07
C SER C 202 9.25 -23.55 -9.30
N MET C 203 8.59 -22.92 -10.27
CA MET C 203 7.23 -23.27 -10.67
C MET C 203 6.24 -23.28 -9.50
N CYS C 204 6.31 -22.26 -8.66
CA CYS C 204 5.35 -22.08 -7.58
C CYS C 204 4.74 -20.70 -7.64
N ALA C 205 3.55 -20.56 -7.08
CA ALA C 205 2.95 -19.24 -6.86
C ALA C 205 3.02 -18.93 -5.38
N ALA C 206 3.45 -17.71 -5.04
CA ALA C 206 3.54 -17.30 -3.65
C ALA C 206 2.88 -15.95 -3.48
N ALA C 207 2.25 -15.72 -2.34
CA ALA C 207 1.64 -14.42 -2.07
C ALA C 207 1.52 -14.21 -0.57
N GLY C 208 1.35 -12.96 -0.15
CA GLY C 208 1.11 -12.67 1.25
C GLY C 208 2.16 -11.77 1.87
N ASN C 209 1.92 -11.39 3.12
CA ASN C 209 2.89 -10.61 3.87
C ASN C 209 2.96 -11.13 5.31
N PRO C 210 3.93 -12.02 5.59
CA PRO C 210 4.97 -12.52 4.68
C PRO C 210 4.42 -13.53 3.68
N ALA C 211 5.07 -13.63 2.52
CA ALA C 211 4.57 -14.50 1.47
C ALA C 211 4.68 -15.98 1.82
N LYS C 212 3.69 -16.75 1.39
CA LYS C 212 3.70 -18.21 1.53
C LYS C 212 3.45 -18.80 0.16
N ILE C 213 3.83 -20.06 -0.04
CA ILE C 213 3.47 -20.75 -1.26
C ILE C 213 1.98 -21.03 -1.23
N ILE C 214 1.30 -20.69 -2.33
CA ILE C 214 -0.14 -20.93 -2.42
C ILE C 214 -0.49 -21.99 -3.46
N LYS C 215 0.43 -22.25 -4.38
CA LYS C 215 0.22 -23.29 -5.39
C LYS C 215 1.58 -23.76 -5.92
N ARG C 216 1.72 -25.06 -6.11
CA ARG C 216 2.95 -25.62 -6.69
C ARG C 216 2.65 -26.20 -8.07
N ASN C 217 3.71 -26.49 -8.82
CA ASN C 217 3.59 -27.08 -10.15
C ASN C 217 2.79 -26.19 -11.09
N ILE C 218 3.13 -24.92 -11.13
CA ILE C 218 2.49 -23.98 -12.02
C ILE C 218 3.52 -23.28 -12.90
N ILE C 219 3.04 -22.63 -13.95
CA ILE C 219 3.88 -21.75 -14.75
C ILE C 219 2.94 -20.71 -15.36
N TRP C 220 3.50 -19.58 -15.80
CA TRP C 220 2.69 -18.45 -16.25
C TRP C 220 3.00 -18.14 -17.70
N ALA C 221 2.16 -17.34 -18.34
CA ALA C 221 2.46 -16.84 -19.66
C ALA C 221 2.02 -15.39 -19.77
N ARG C 222 2.67 -14.66 -20.66
CA ARG C 222 2.40 -13.23 -20.85
CA ARG C 222 2.40 -13.23 -20.84
C ARG C 222 1.09 -13.01 -21.62
N THR C 223 0.94 -13.74 -22.72
CA THR C 223 -0.24 -13.61 -23.58
C THR C 223 -1.55 -13.95 -22.87
N ASP C 224 -2.49 -13.01 -22.89
CA ASP C 224 -3.78 -13.23 -22.24
C ASP C 224 -4.65 -14.25 -22.98
N LYS C 225 -4.30 -14.54 -24.23
CA LYS C 225 -5.10 -15.43 -25.07
C LYS C 225 -4.82 -16.90 -24.80
N ALA C 226 -3.58 -17.22 -24.47
CA ALA C 226 -3.16 -18.60 -24.24
C ALA C 226 -4.05 -19.32 -23.24
N GLU C 227 -4.66 -20.43 -23.66
CA GLU C 227 -5.47 -21.25 -22.77
C GLU C 227 -4.74 -22.55 -22.45
N LEU C 228 -3.71 -22.84 -23.25
CA LEU C 228 -2.84 -24.00 -23.03
C LEU C 228 -1.40 -23.50 -23.01
N ILE C 229 -0.54 -24.21 -22.29
CA ILE C 229 0.87 -23.86 -22.25
C ILE C 229 1.44 -23.75 -23.67
N SER C 230 1.05 -24.67 -24.55
CA SER C 230 1.55 -24.70 -25.92
C SER C 230 1.07 -23.53 -26.78
N ASP C 231 0.18 -22.70 -26.24
CA ASP C 231 -0.31 -21.52 -26.97
C ASP C 231 0.69 -20.37 -27.00
N ASP C 232 1.68 -20.42 -26.11
CA ASP C 232 2.68 -19.35 -26.00
C ASP C 232 4.09 -19.92 -26.15
N LYS C 233 4.83 -19.43 -27.16
CA LYS C 233 6.18 -19.91 -27.43
C LYS C 233 7.09 -19.89 -26.22
N ARG C 234 7.22 -18.72 -25.60
CA ARG C 234 8.14 -18.54 -24.48
C ARG C 234 7.77 -19.43 -23.29
N CYS C 235 6.47 -19.50 -22.99
CA CYS C 235 5.97 -20.36 -21.94
C CYS C 235 6.32 -21.81 -22.25
N SER C 236 6.00 -22.25 -23.46
CA SER C 236 6.30 -23.61 -23.88
C SER C 236 7.78 -23.92 -23.73
N SER C 237 8.62 -22.96 -24.11
CA SER C 237 10.06 -23.14 -24.05
C SER C 237 10.56 -23.42 -22.63
N TYR C 238 10.17 -22.57 -21.67
CA TYR C 238 10.59 -22.78 -20.29
C TYR C 238 9.94 -24.02 -19.67
N HIS C 239 8.70 -24.28 -20.04
CA HIS C 239 8.02 -25.45 -19.52
C HIS C 239 8.81 -26.70 -19.90
N ALA C 240 9.27 -26.74 -21.14
CA ALA C 240 10.04 -27.88 -21.62
C ALA C 240 11.35 -28.02 -20.85
N LYS C 241 12.09 -26.92 -20.72
CA LYS C 241 13.41 -26.98 -20.10
C LYS C 241 13.33 -27.21 -18.59
N LEU C 242 12.24 -26.77 -17.97
CA LEU C 242 12.09 -26.90 -16.52
C LEU C 242 11.55 -28.28 -16.11
N THR C 243 10.88 -28.96 -17.04
CA THR C 243 10.37 -30.29 -16.78
C THR C 243 11.10 -31.32 -17.64
C1 PEG D . -3.23 0.67 24.91
O1 PEG D . -1.89 0.45 25.39
C2 PEG D . -4.25 0.09 25.86
O2 PEG D . -5.53 0.64 25.55
C3 PEG D . -5.90 1.64 26.51
C4 PEG D . -6.98 2.53 25.95
O4 PEG D . -7.08 3.74 26.69
H11 PEG D . -3.39 1.74 24.79
H12 PEG D . -3.34 0.21 23.93
HO1 PEG D . -1.26 0.76 24.73
H21 PEG D . -4.28 -1.00 25.77
H22 PEG D . -3.98 0.33 26.90
H31 PEG D . -6.24 1.16 27.43
H32 PEG D . -5.02 2.25 26.76
H41 PEG D . -6.77 2.76 24.90
H42 PEG D . -7.95 2.00 25.98
HO4 PEG D . -7.73 4.33 26.28
CL CL E . -19.38 20.09 -9.63
CL CL F . -29.04 -4.06 -10.86
C1 PEG G . 15.92 -18.05 3.32
O1 PEG G . 16.31 -16.96 2.46
C2 PEG G . 14.89 -18.89 2.58
O2 PEG G . 14.41 -19.96 3.38
C3 PEG G . 13.80 -20.95 2.55
C4 PEG G . 12.30 -21.00 2.82
O4 PEG G . 11.60 -21.29 1.60
H11 PEG G . 15.50 -17.66 4.25
H12 PEG G . 16.80 -18.66 3.57
HO1 PEG G . 16.91 -16.37 2.94
H21 PEG G . 14.05 -18.25 2.29
H22 PEG G . 15.34 -19.28 1.67
H31 PEG G . 13.96 -20.70 1.50
H32 PEG G . 14.24 -21.93 2.75
H41 PEG G . 12.08 -21.78 3.56
H42 PEG G . 11.96 -20.05 3.23
HO4 PEG G . 10.65 -21.40 1.79
#